data_1TYO
#
_entry.id   1TYO
#
_cell.length_a   107.007
_cell.length_b   107.007
_cell.length_c   179.812
_cell.angle_alpha   90.00
_cell.angle_beta   90.00
_cell.angle_gamma   90.00
#
_symmetry.space_group_name_H-M   'P 43 21 2'
#
loop_
_entity.id
_entity.type
_entity.pdbx_description
1 polymer 'isocitrate dehydrogenase'
2 non-polymer ETHENO-NADP
3 water water
#
_entity_poly.entity_id   1
_entity_poly.type   'polypeptide(L)'
_entity_poly.pdbx_seq_one_letter_code
;MQVMASPPCTTEELSPPPGGSLVEYSGGSLRVPDNPVVAFIRGDGVGPEVVESALKVVDAAVKKVYGGSRRIVWWELLAG
HLAREKCGELLPKATLEGIRLARVALKGPLETPVGTGYRSLNVAIRQALDLYANIRPVRYYGQPAPHKYADRVDMVIFRE
NTEDVYAGIEWPHDSPEAARIRRFLAEEFGISIREDAGIGVKPISRFATRRLMERALEWALRNGNTVVTIMHKGNIMKYT
EGAFMRWAYEVALEKFREHVVTEQEVQEKYGGVRPEGKILVNDRIADNMLQQIITRPWDYQVIVAPNLNGDYISDAASAL
VGGIGMAAGMNMGDGIAVAEPVHGTAPKYAGKDLINPSAEILSASLLIGEFMGWREVKSIVEYAIRKAVQSKKVTQDLAR
HMPGVQPLRTSEYTETLIAYIDEADLNEVLAGKRG
;
_entity_poly.pdbx_strand_id   A,B
#
loop_
_chem_comp.id
_chem_comp.type
_chem_comp.name
_chem_comp.formula
ENP RNA linking ETHENO-NADP 'C17 H24 N5 O17 P3'
#
# COMPACT_ATOMS: atom_id res chain seq x y z
N SER A 6 -16.60 29.80 -29.13
CA SER A 6 -17.71 29.05 -28.49
C SER A 6 -17.54 28.82 -26.97
N PRO A 7 -16.56 28.04 -26.50
CA PRO A 7 -16.45 27.86 -25.04
C PRO A 7 -16.19 29.20 -24.33
N PRO A 8 -16.79 29.37 -23.16
CA PRO A 8 -16.76 30.66 -22.44
C PRO A 8 -15.50 30.93 -21.62
N CYS A 9 -15.09 32.20 -21.58
CA CYS A 9 -13.99 32.63 -20.73
C CYS A 9 -14.50 33.36 -19.47
N THR A 10 -15.71 33.92 -19.54
CA THR A 10 -16.25 34.74 -18.47
C THR A 10 -17.60 34.23 -18.00
N THR A 11 -17.97 34.67 -16.80
CA THR A 11 -19.27 34.35 -16.21
C THR A 11 -20.44 34.73 -17.11
N GLU A 12 -20.40 35.94 -17.65
CA GLU A 12 -21.46 36.47 -18.50
C GLU A 12 -21.66 35.63 -19.76
N GLU A 13 -20.58 35.05 -20.25
CA GLU A 13 -20.61 34.20 -21.44
C GLU A 13 -21.18 32.79 -21.22
N LEU A 14 -21.29 32.38 -19.97
CA LEU A 14 -21.80 31.04 -19.62
C LEU A 14 -23.24 30.82 -20.13
N SER A 15 -23.43 29.97 -21.13
CA SER A 15 -24.77 29.47 -21.45
C SER A 15 -24.74 28.06 -22.02
N PRO A 16 -25.46 27.15 -21.37
CA PRO A 16 -25.52 25.75 -21.80
C PRO A 16 -26.10 25.67 -23.21
N PRO A 17 -25.72 24.67 -24.00
CA PRO A 17 -26.08 24.62 -25.43
C PRO A 17 -27.58 24.46 -25.63
N PRO A 18 -28.11 24.94 -26.76
CA PRO A 18 -29.56 25.19 -26.94
C PRO A 18 -30.66 24.21 -26.37
N GLY A 19 -30.55 22.92 -26.71
CA GLY A 19 -31.60 21.98 -26.38
C GLY A 19 -31.23 21.00 -25.30
N GLY A 20 -30.32 21.42 -24.41
CA GLY A 20 -29.99 20.63 -23.25
C GLY A 20 -30.77 21.16 -22.08
N SER A 21 -31.08 20.26 -21.12
CA SER A 21 -31.66 20.66 -19.84
C SER A 21 -30.70 20.33 -18.72
N LEU A 22 -30.71 21.15 -17.68
CA LEU A 22 -29.76 21.04 -16.57
C LEU A 22 -30.12 19.91 -15.65
N VAL A 23 -29.11 19.16 -15.21
CA VAL A 23 -29.23 18.28 -14.05
C VAL A 23 -29.45 19.16 -12.82
N GLU A 24 -30.41 18.80 -11.98
CA GLU A 24 -30.71 19.58 -10.79
C GLU A 24 -30.51 18.78 -9.50
N TYR A 25 -30.29 19.48 -8.40
CA TYR A 25 -30.11 18.83 -7.10
C TYR A 25 -30.86 19.57 -6.00
N SER A 26 -31.92 18.98 -5.45
CA SER A 26 -32.71 19.58 -4.36
C SER A 26 -33.24 18.49 -3.43
N GLY A 27 -33.24 18.79 -2.13
CA GLY A 27 -33.78 17.88 -1.13
C GLY A 27 -33.07 16.54 -1.06
N GLY A 28 -31.75 16.57 -1.22
CA GLY A 28 -30.90 15.39 -1.18
C GLY A 28 -30.99 14.51 -2.41
N SER A 29 -31.65 15.00 -3.46
CA SER A 29 -31.99 14.15 -4.58
C SER A 29 -31.56 14.77 -5.93
N LEU A 30 -30.86 13.98 -6.73
CA LEU A 30 -30.41 14.42 -8.04
C LEU A 30 -31.52 14.17 -9.06
N ARG A 31 -31.83 15.16 -9.88
CA ARG A 31 -32.80 14.99 -10.95
C ARG A 31 -32.13 15.15 -12.31
N VAL A 32 -32.10 14.05 -13.05
CA VAL A 32 -31.43 13.99 -14.34
C VAL A 32 -32.50 13.92 -15.44
N PRO A 33 -32.59 14.97 -16.24
CA PRO A 33 -33.50 14.93 -17.38
C PRO A 33 -32.96 13.99 -18.47
N ASP A 34 -33.78 13.68 -19.45
CA ASP A 34 -33.40 12.75 -20.51
C ASP A 34 -32.61 13.44 -21.65
N ASN A 35 -32.48 14.77 -21.59
CA ASN A 35 -31.59 15.50 -22.49
C ASN A 35 -30.61 16.32 -21.62
N PRO A 36 -29.83 15.65 -20.76
CA PRO A 36 -29.02 16.37 -19.77
C PRO A 36 -27.81 17.08 -20.37
N VAL A 37 -27.58 18.29 -19.89
CA VAL A 37 -26.31 18.95 -20.16
C VAL A 37 -25.19 18.23 -19.40
N VAL A 38 -24.12 17.92 -20.13
CA VAL A 38 -22.92 17.37 -19.50
C VAL A 38 -21.74 18.19 -19.96
N ALA A 39 -21.11 18.88 -19.01
CA ALA A 39 -19.88 19.60 -19.31
C ALA A 39 -18.76 18.64 -19.68
N PHE A 40 -17.92 19.08 -20.62
CA PHE A 40 -16.66 18.39 -20.89
C PHE A 40 -15.45 19.34 -20.98
N ILE A 41 -14.33 18.87 -20.47
CA ILE A 41 -13.08 19.63 -20.48
C ILE A 41 -12.05 18.75 -21.11
N ARG A 42 -11.53 19.16 -22.26
CA ARG A 42 -10.56 18.35 -23.01
C ARG A 42 -9.23 18.23 -22.27
N GLY A 43 -8.83 19.28 -21.55
CA GLY A 43 -7.61 19.26 -20.76
C GLY A 43 -6.34 19.24 -21.60
N ASP A 44 -5.34 18.48 -21.15
CA ASP A 44 -3.96 18.58 -21.66
C ASP A 44 -3.39 17.25 -22.07
N GLY A 45 -2.30 17.28 -22.84
CA GLY A 45 -1.62 16.07 -23.24
C GLY A 45 -2.54 15.20 -24.06
N VAL A 46 -2.72 13.96 -23.64
CA VAL A 46 -3.62 13.03 -24.35
C VAL A 46 -5.11 13.33 -24.08
N GLY A 47 -5.37 14.26 -23.17
CA GLY A 47 -6.75 14.54 -22.75
C GLY A 47 -7.72 14.77 -23.93
N PRO A 48 -7.41 15.74 -24.80
CA PRO A 48 -8.29 16.02 -25.94
C PRO A 48 -8.60 14.73 -26.73
N GLU A 49 -7.58 13.91 -27.01
CA GLU A 49 -7.82 12.69 -27.77
C GLU A 49 -8.74 11.72 -27.04
N VAL A 50 -8.44 11.45 -25.77
CA VAL A 50 -9.23 10.49 -25.01
C VAL A 50 -10.62 11.04 -24.65
N VAL A 51 -10.72 12.34 -24.41
CA VAL A 51 -12.04 12.97 -24.23
C VAL A 51 -12.88 12.84 -25.50
N GLU A 52 -12.28 13.13 -26.68
CA GLU A 52 -13.00 12.99 -27.96
C GLU A 52 -13.51 11.57 -28.14
N SER A 53 -12.66 10.60 -27.80
CA SER A 53 -13.07 9.22 -27.91
C SER A 53 -14.20 8.89 -26.94
N ALA A 54 -14.10 9.35 -25.69
CA ALA A 54 -15.15 9.10 -24.72
C ALA A 54 -16.52 9.67 -25.16
N LEU A 55 -16.54 10.87 -25.73
CA LEU A 55 -17.82 11.44 -26.18
C LEU A 55 -18.49 10.61 -27.28
N LYS A 56 -17.70 10.18 -28.26
CA LYS A 56 -18.17 9.34 -29.36
C LYS A 56 -18.69 7.99 -28.88
N VAL A 57 -17.97 7.37 -27.96
CA VAL A 57 -18.37 6.06 -27.45
C VAL A 57 -19.64 6.19 -26.60
N VAL A 58 -19.69 7.21 -25.76
CA VAL A 58 -20.90 7.45 -24.98
C VAL A 58 -22.11 7.75 -25.87
N ASP A 59 -21.95 8.58 -26.88
CA ASP A 59 -23.05 8.93 -27.77
C ASP A 59 -23.60 7.67 -28.44
N ALA A 60 -22.68 6.81 -28.89
CA ALA A 60 -23.08 5.57 -29.55
C ALA A 60 -23.82 4.65 -28.59
N ALA A 61 -23.31 4.57 -27.36
CA ALA A 61 -23.95 3.79 -26.31
C ALA A 61 -25.36 4.28 -26.03
N VAL A 62 -25.53 5.60 -25.87
CA VAL A 62 -26.88 6.08 -25.58
C VAL A 62 -27.89 5.96 -26.74
N LYS A 63 -27.45 6.23 -27.97
CA LYS A 63 -28.27 5.93 -29.12
C LYS A 63 -28.67 4.44 -29.12
N LYS A 64 -27.72 3.55 -28.89
CA LYS A 64 -27.97 2.12 -28.90
C LYS A 64 -28.96 1.64 -27.82
N VAL A 65 -28.74 1.96 -26.57
CA VAL A 65 -29.65 1.44 -25.53
C VAL A 65 -30.97 2.21 -25.37
N TYR A 66 -31.00 3.48 -25.78
CA TYR A 66 -32.23 4.29 -25.61
C TYR A 66 -32.94 4.73 -26.87
N GLY A 67 -32.28 4.57 -28.01
CA GLY A 67 -32.90 4.78 -29.32
C GLY A 67 -33.62 6.09 -29.53
N GLY A 68 -33.05 7.17 -28.99
CA GLY A 68 -33.70 8.47 -29.13
C GLY A 68 -34.50 8.93 -27.94
N SER A 69 -34.67 8.09 -26.93
CA SER A 69 -35.48 8.55 -25.78
C SER A 69 -34.61 9.34 -24.81
N ARG A 70 -33.29 9.26 -25.02
CA ARG A 70 -32.28 9.95 -24.24
C ARG A 70 -31.14 10.43 -25.13
N ARG A 71 -30.54 11.56 -24.77
CA ARG A 71 -29.41 12.11 -25.49
C ARG A 71 -28.61 13.04 -24.58
N ILE A 72 -27.30 12.98 -24.65
CA ILE A 72 -26.44 13.89 -23.85
C ILE A 72 -26.24 15.16 -24.67
N VAL A 73 -26.27 16.31 -24.02
CA VAL A 73 -25.99 17.58 -24.66
C VAL A 73 -24.65 18.08 -24.08
N TRP A 74 -23.59 17.81 -24.84
CA TRP A 74 -22.23 18.12 -24.40
C TRP A 74 -21.95 19.62 -24.38
N TRP A 75 -21.36 20.08 -23.29
CA TRP A 75 -21.09 21.49 -23.10
C TRP A 75 -19.60 21.68 -22.82
N GLU A 76 -18.88 22.29 -23.76
CA GLU A 76 -17.43 22.38 -23.60
C GLU A 76 -17.03 23.53 -22.68
N LEU A 77 -16.22 23.21 -21.66
CA LEU A 77 -15.62 24.23 -20.80
C LEU A 77 -14.12 24.09 -20.90
N LEU A 78 -13.38 25.13 -20.50
CA LEU A 78 -11.92 25.11 -20.71
C LEU A 78 -11.11 25.10 -19.42
N ALA A 79 -10.11 24.24 -19.37
CA ALA A 79 -9.10 24.26 -18.30
C ALA A 79 -7.81 23.80 -18.90
N GLY A 80 -6.70 24.40 -18.44
CA GLY A 80 -5.39 24.01 -18.93
C GLY A 80 -5.04 24.78 -20.20
N HIS A 81 -4.32 24.13 -21.11
CA HIS A 81 -3.69 24.82 -22.25
C HIS A 81 -4.69 25.52 -23.19
N LEU A 82 -5.88 24.96 -23.37
CA LEU A 82 -6.92 25.60 -24.21
C LEU A 82 -7.49 26.84 -23.55
N ALA A 83 -7.55 26.81 -22.22
CA ALA A 83 -7.94 27.97 -21.44
C ALA A 83 -6.86 29.07 -21.48
N ARG A 84 -5.58 28.69 -21.44
CA ARG A 84 -4.52 29.70 -21.57
C ARG A 84 -4.59 30.38 -22.93
N GLU A 85 -4.76 29.58 -23.98
CA GLU A 85 -4.83 30.10 -25.35
C GLU A 85 -5.98 31.08 -25.56
N LYS A 86 -7.20 30.65 -25.20
CA LYS A 86 -8.39 31.44 -25.44
C LYS A 86 -8.61 32.56 -24.42
N CYS A 87 -8.50 32.22 -23.13
CA CYS A 87 -8.84 33.10 -22.02
C CYS A 87 -7.65 33.79 -21.33
N GLY A 88 -6.43 33.33 -21.61
CA GLY A 88 -5.25 33.90 -20.96
C GLY A 88 -5.02 33.45 -19.51
N GLU A 89 -5.72 32.39 -19.10
CA GLU A 89 -5.51 31.82 -17.77
C GLU A 89 -5.90 30.34 -17.76
N LEU A 90 -5.36 29.60 -16.81
CA LEU A 90 -5.46 28.14 -16.88
C LEU A 90 -6.79 27.63 -16.36
N LEU A 91 -7.37 28.32 -15.39
CA LEU A 91 -8.63 27.91 -14.79
C LEU A 91 -9.56 29.10 -14.61
N PRO A 92 -10.30 29.46 -15.67
CA PRO A 92 -11.24 30.58 -15.57
C PRO A 92 -12.27 30.29 -14.48
N LYS A 93 -12.64 31.30 -13.72
CA LYS A 93 -13.75 31.19 -12.79
C LYS A 93 -15.00 30.64 -13.49
N ALA A 94 -15.27 31.11 -14.71
CA ALA A 94 -16.41 30.63 -15.51
C ALA A 94 -16.47 29.10 -15.65
N THR A 95 -15.32 28.47 -15.80
CA THR A 95 -15.24 27.03 -15.87
C THR A 95 -15.76 26.38 -14.57
N LEU A 96 -15.34 26.93 -13.42
CA LEU A 96 -15.82 26.45 -12.13
C LEU A 96 -17.33 26.63 -11.99
N GLU A 97 -17.81 27.82 -12.33
CA GLU A 97 -19.23 28.12 -12.30
C GLU A 97 -20.00 27.25 -13.30
N GLY A 98 -19.38 26.95 -14.44
CA GLY A 98 -19.97 26.08 -15.44
C GLY A 98 -20.24 24.69 -14.93
N ILE A 99 -19.24 24.10 -14.27
CA ILE A 99 -19.38 22.78 -13.65
C ILE A 99 -20.48 22.82 -12.58
N ARG A 100 -20.45 23.87 -11.77
CA ARG A 100 -21.45 24.04 -10.70
C ARG A 100 -22.84 24.08 -11.31
N LEU A 101 -22.98 24.74 -12.46
CA LEU A 101 -24.30 24.84 -13.10
C LEU A 101 -24.76 23.50 -13.66
N ALA A 102 -23.88 22.83 -14.40
CA ALA A 102 -24.22 21.54 -15.01
C ALA A 102 -24.35 20.42 -13.97
N ARG A 103 -23.56 20.50 -12.88
CA ARG A 103 -23.51 19.47 -11.81
C ARG A 103 -22.71 18.23 -12.18
N VAL A 104 -22.47 18.06 -13.47
CA VAL A 104 -21.82 16.87 -13.99
C VAL A 104 -20.81 17.30 -15.08
N ALA A 105 -19.61 16.72 -15.01
CA ALA A 105 -18.57 17.04 -15.98
C ALA A 105 -17.62 15.88 -16.17
N LEU A 106 -17.16 15.73 -17.41
CA LEU A 106 -16.14 14.78 -17.79
C LEU A 106 -14.91 15.58 -18.19
N LYS A 107 -13.76 15.24 -17.61
CA LYS A 107 -12.57 16.03 -17.90
C LYS A 107 -11.36 15.15 -18.17
N GLY A 108 -10.50 15.62 -19.07
CA GLY A 108 -9.21 14.98 -19.30
C GLY A 108 -8.23 15.40 -18.20
N PRO A 109 -7.03 14.79 -18.17
CA PRO A 109 -5.98 15.21 -17.24
C PRO A 109 -5.52 16.65 -17.51
N LEU A 110 -5.02 17.31 -16.47
CA LEU A 110 -4.47 18.65 -16.60
C LEU A 110 -3.00 18.65 -16.23
N GLU A 111 -2.21 19.47 -16.89
CA GLU A 111 -0.79 19.57 -16.52
C GLU A 111 -0.65 20.38 -15.24
N THR A 112 0.39 20.12 -14.46
CA THR A 112 0.64 20.94 -13.27
C THR A 112 1.44 22.17 -13.66
N PRO A 113 0.90 23.35 -13.37
CA PRO A 113 1.56 24.61 -13.75
C PRO A 113 2.88 24.83 -13.01
N VAL A 114 3.82 25.50 -13.67
CA VAL A 114 4.95 26.21 -13.03
C VAL A 114 5.65 25.46 -11.89
N GLY A 115 5.87 26.16 -10.78
CA GLY A 115 6.20 25.57 -9.50
C GLY A 115 5.02 25.83 -8.57
N THR A 116 3.92 25.11 -8.80
CA THR A 116 2.76 25.11 -7.93
C THR A 116 2.64 23.68 -7.41
N GLY A 117 1.67 23.43 -6.56
CA GLY A 117 1.48 22.10 -6.01
C GLY A 117 1.34 21.06 -7.12
N TYR A 118 1.55 19.81 -6.73
CA TYR A 118 1.29 18.65 -7.59
C TYR A 118 -0.20 18.73 -7.95
N ARG A 119 -0.50 18.60 -9.25
CA ARG A 119 -1.88 18.72 -9.78
C ARG A 119 -2.71 19.88 -9.19
N SER A 120 -2.09 21.05 -9.01
CA SER A 120 -2.78 22.18 -8.37
C SER A 120 -4.10 22.55 -9.04
N LEU A 121 -4.19 22.45 -10.36
CA LEU A 121 -5.47 22.75 -11.06
C LEU A 121 -6.58 21.79 -10.68
N ASN A 122 -6.29 20.50 -10.62
CA ASN A 122 -7.23 19.50 -10.12
C ASN A 122 -7.68 19.75 -8.67
N VAL A 123 -6.73 20.15 -7.83
CA VAL A 123 -6.98 20.51 -6.44
C VAL A 123 -7.88 21.74 -6.38
N ALA A 124 -7.53 22.77 -7.15
CA ALA A 124 -8.38 23.96 -7.21
C ALA A 124 -9.83 23.61 -7.61
N ILE A 125 -10.00 22.68 -8.55
CA ILE A 125 -11.35 22.25 -8.96
C ILE A 125 -12.12 21.54 -7.83
N ARG A 126 -11.48 20.56 -7.19
CA ARG A 126 -12.11 19.83 -6.08
C ARG A 126 -12.49 20.80 -4.93
N GLN A 127 -11.55 21.65 -4.56
CA GLN A 127 -11.78 22.61 -3.48
C GLN A 127 -12.91 23.60 -3.77
N ALA A 128 -12.92 24.19 -4.97
CA ALA A 128 -13.97 25.15 -5.30
C ALA A 128 -15.34 24.48 -5.28
N LEU A 129 -15.39 23.21 -5.63
CA LEU A 129 -16.68 22.56 -5.81
C LEU A 129 -17.01 21.62 -4.64
N ASP A 130 -16.12 21.56 -3.64
CA ASP A 130 -16.30 20.66 -2.49
C ASP A 130 -16.53 19.21 -2.96
N LEU A 131 -15.64 18.73 -3.82
CA LEU A 131 -15.71 17.35 -4.27
C LEU A 131 -14.92 16.48 -3.29
N TYR A 132 -15.56 16.13 -2.18
CA TYR A 132 -14.86 15.52 -1.05
C TYR A 132 -14.58 14.03 -1.21
N ALA A 133 -15.37 13.34 -2.04
CA ALA A 133 -15.23 11.89 -2.20
C ALA A 133 -14.53 11.57 -3.52
N ASN A 134 -13.45 10.81 -3.44
CA ASN A 134 -12.82 10.24 -4.60
C ASN A 134 -13.26 8.78 -4.76
N ILE A 135 -13.88 8.47 -5.89
CA ILE A 135 -14.50 7.17 -6.15
C ILE A 135 -13.72 6.51 -7.26
N ARG A 136 -13.17 5.33 -7.01
CA ARG A 136 -12.44 4.58 -8.04
C ARG A 136 -12.90 3.13 -8.10
N PRO A 137 -13.65 2.79 -9.16
CA PRO A 137 -13.98 1.38 -9.42
C PRO A 137 -12.78 0.66 -10.04
N VAL A 138 -12.58 -0.59 -9.63
CA VAL A 138 -11.57 -1.41 -10.25
C VAL A 138 -12.24 -2.73 -10.65
N ARG A 139 -12.17 -3.00 -11.93
CA ARG A 139 -12.78 -4.20 -12.50
C ARG A 139 -11.80 -4.78 -13.50
N TYR A 140 -12.06 -6.03 -13.85
CA TYR A 140 -11.22 -6.71 -14.81
C TYR A 140 -11.94 -6.84 -16.15
N TYR A 141 -11.21 -6.60 -17.24
CA TYR A 141 -11.80 -6.63 -18.59
C TYR A 141 -11.24 -7.73 -19.47
N GLY A 142 -10.52 -8.67 -18.86
CA GLY A 142 -10.04 -9.83 -19.59
C GLY A 142 -8.63 -9.61 -20.12
N GLN A 143 -8.04 -8.44 -19.85
CA GLN A 143 -6.67 -8.14 -20.31
C GLN A 143 -5.59 -9.02 -19.66
N PRO A 144 -4.37 -8.97 -20.20
CA PRO A 144 -3.27 -9.72 -19.57
C PRO A 144 -3.01 -9.07 -18.24
N ALA A 145 -2.96 -9.87 -17.19
CA ALA A 145 -2.91 -9.35 -15.83
C ALA A 145 -1.95 -10.21 -15.01
N PRO A 146 -1.25 -9.58 -14.08
CA PRO A 146 -0.27 -10.28 -13.24
C PRO A 146 -0.88 -11.04 -12.05
N HIS A 147 -2.17 -10.83 -11.78
CA HIS A 147 -2.91 -11.46 -10.68
C HIS A 147 -3.64 -12.68 -11.21
N LYS A 148 -3.36 -13.84 -10.63
CA LYS A 148 -4.13 -15.06 -10.93
C LYS A 148 -5.63 -14.90 -10.67
N TYR A 149 -5.96 -14.06 -9.70
CA TYR A 149 -7.35 -13.84 -9.29
C TYR A 149 -7.93 -12.51 -9.79
N ALA A 150 -7.35 -11.97 -10.86
CA ALA A 150 -7.83 -10.69 -11.42
C ALA A 150 -9.31 -10.71 -11.75
N ASP A 151 -9.81 -11.85 -12.21
CA ASP A 151 -11.22 -11.95 -12.57
C ASP A 151 -12.18 -11.95 -11.35
N ARG A 152 -11.61 -11.94 -10.14
CA ARG A 152 -12.43 -11.87 -8.93
C ARG A 152 -12.32 -10.51 -8.26
N VAL A 153 -11.66 -9.57 -8.94
CA VAL A 153 -11.50 -8.22 -8.45
C VAL A 153 -12.61 -7.39 -9.05
N ASP A 154 -13.52 -6.94 -8.18
CA ASP A 154 -14.63 -6.12 -8.63
C ASP A 154 -14.98 -5.21 -7.46
N MET A 155 -14.32 -4.06 -7.42
CA MET A 155 -14.30 -3.25 -6.23
C MET A 155 -14.51 -1.79 -6.61
N VAL A 156 -14.88 -0.99 -5.61
CA VAL A 156 -14.91 0.47 -5.70
C VAL A 156 -14.26 1.03 -4.45
N ILE A 157 -13.34 1.96 -4.62
CA ILE A 157 -12.71 2.61 -3.48
C ILE A 157 -13.35 3.98 -3.29
N PHE A 158 -14.00 4.15 -2.13
CA PHE A 158 -14.45 5.44 -1.65
C PHE A 158 -13.35 6.02 -0.75
N ARG A 159 -12.70 7.06 -1.25
CA ARG A 159 -11.51 7.64 -0.63
C ARG A 159 -11.81 9.06 -0.23
N GLU A 160 -11.61 9.35 1.05
CA GLU A 160 -11.83 10.70 1.58
C GLU A 160 -10.72 11.56 0.96
N ASN A 161 -11.11 12.62 0.26
CA ASN A 161 -10.11 13.31 -0.55
C ASN A 161 -9.81 14.73 -0.08
N THR A 162 -10.03 15.07 1.19
CA THR A 162 -9.76 16.43 1.69
C THR A 162 -8.81 16.53 2.85
N GLU A 163 -8.59 15.45 3.57
CA GLU A 163 -7.87 15.49 4.84
C GLU A 163 -6.63 14.60 4.77
N ASP A 164 -6.22 14.07 5.91
CA ASP A 164 -5.05 13.19 6.00
C ASP A 164 -3.75 13.96 5.71
N VAL A 165 -2.64 13.24 5.67
CA VAL A 165 -1.35 13.82 5.33
C VAL A 165 -1.35 14.53 3.97
N TYR A 166 -2.33 14.22 3.11
CA TYR A 166 -2.41 14.87 1.78
C TYR A 166 -2.93 16.31 1.83
N ALA A 167 -3.45 16.74 2.98
CA ALA A 167 -3.91 18.11 3.20
C ALA A 167 -2.84 19.22 3.06
N GLY A 168 -1.57 18.83 2.99
CA GLY A 168 -0.49 19.80 2.79
C GLY A 168 0.07 20.48 4.02
N ILE A 169 -0.32 20.04 5.22
CA ILE A 169 0.14 20.68 6.46
C ILE A 169 1.49 20.12 6.88
N GLU A 170 2.55 20.89 6.65
CA GLU A 170 3.91 20.42 6.89
C GLU A 170 4.89 21.57 6.79
N TRP A 171 6.07 21.38 7.40
CA TRP A 171 7.08 22.42 7.42
C TRP A 171 8.48 21.82 7.24
N PRO A 172 9.36 22.51 6.51
CA PRO A 172 10.75 22.06 6.36
C PRO A 172 11.48 21.88 7.69
N HIS A 173 12.40 20.89 7.76
CA HIS A 173 13.19 20.62 8.96
C HIS A 173 13.96 21.85 9.48
N ASP A 174 14.41 22.69 8.55
CA ASP A 174 15.23 23.83 8.92
C ASP A 174 14.47 25.17 8.98
N SER A 175 13.14 25.11 8.84
CA SER A 175 12.29 26.29 8.83
C SER A 175 12.04 26.81 10.24
N PRO A 176 11.90 28.13 10.42
CA PRO A 176 11.54 28.64 11.76
C PRO A 176 10.18 28.14 12.26
N GLU A 177 9.25 27.79 11.36
CA GLU A 177 7.97 27.21 11.72
C GLU A 177 8.17 25.89 12.46
N ALA A 178 9.01 25.02 11.90
CA ALA A 178 9.30 23.72 12.48
C ALA A 178 9.91 23.85 13.84
N ALA A 179 10.84 24.79 13.99
CA ALA A 179 11.49 25.05 15.27
C ALA A 179 10.47 25.49 16.33
N ARG A 180 9.54 26.35 15.91
CA ARG A 180 8.48 26.82 16.79
C ARG A 180 7.58 25.64 17.25
N ILE A 181 7.21 24.76 16.33
CA ILE A 181 6.40 23.57 16.65
C ILE A 181 7.15 22.63 17.61
N ARG A 182 8.44 22.43 17.35
CA ARG A 182 9.25 21.54 18.18
C ARG A 182 9.28 22.01 19.63
N ARG A 183 9.44 23.31 19.80
CA ARG A 183 9.44 23.94 21.10
C ARG A 183 8.07 23.86 21.79
N PHE A 184 7.02 24.20 21.05
CA PHE A 184 5.66 24.06 21.53
C PHE A 184 5.40 22.65 22.04
N LEU A 185 5.71 21.65 21.22
CA LEU A 185 5.48 20.26 21.57
C LEU A 185 6.20 19.87 22.84
N ALA A 186 7.44 20.34 22.99
CA ALA A 186 8.30 19.98 24.11
C ALA A 186 7.88 20.62 25.44
N GLU A 187 7.59 21.92 25.42
CA GLU A 187 7.23 22.65 26.64
C GLU A 187 5.82 22.30 27.15
N GLU A 188 4.91 22.04 26.23
CA GLU A 188 3.49 21.91 26.54
C GLU A 188 3.07 20.50 26.80
N PHE A 189 3.63 19.57 26.04
CA PHE A 189 3.16 18.19 26.06
C PHE A 189 4.25 17.23 26.46
N GLY A 190 5.46 17.75 26.68
CA GLY A 190 6.64 16.91 26.90
C GLY A 190 6.94 15.93 25.77
N ILE A 191 6.72 16.38 24.53
CA ILE A 191 6.95 15.53 23.36
C ILE A 191 8.27 15.97 22.72
N SER A 192 9.14 15.02 22.41
CA SER A 192 10.44 15.34 21.83
C SER A 192 10.50 14.93 20.37
N ILE A 193 10.86 15.88 19.52
CA ILE A 193 11.03 15.63 18.09
C ILE A 193 12.41 16.11 17.75
N ARG A 194 13.15 15.32 16.97
CA ARG A 194 14.53 15.64 16.61
C ARG A 194 14.65 17.02 15.95
N GLU A 195 15.72 17.75 16.27
CA GLU A 195 16.01 19.06 15.68
C GLU A 195 16.11 19.01 14.13
N ASP A 196 16.49 17.86 13.59
CA ASP A 196 16.65 17.71 12.14
C ASP A 196 15.47 16.98 11.48
N ALA A 197 14.30 17.06 12.12
CA ALA A 197 13.07 16.46 11.59
C ALA A 197 12.21 17.45 10.83
N GLY A 198 11.83 17.09 9.62
CA GLY A 198 10.69 17.68 8.93
C GLY A 198 9.42 17.25 9.66
N ILE A 199 8.37 18.07 9.58
CA ILE A 199 7.16 17.84 10.38
C ILE A 199 5.90 17.98 9.54
N GLY A 200 5.08 16.93 9.51
CA GLY A 200 3.75 16.94 8.93
C GLY A 200 2.66 16.72 9.97
N VAL A 201 1.46 17.23 9.66
CA VAL A 201 0.29 17.07 10.53
C VAL A 201 -0.80 16.27 9.77
N LYS A 202 -1.39 15.29 10.46
CA LYS A 202 -2.39 14.40 9.89
C LYS A 202 -3.74 14.64 10.57
N PRO A 203 -4.62 15.46 9.98
CA PRO A 203 -5.96 15.67 10.55
C PRO A 203 -6.98 14.70 9.97
N ILE A 204 -7.81 14.11 10.82
CA ILE A 204 -8.94 13.31 10.38
C ILE A 204 -10.15 13.68 11.21
N SER A 205 -11.21 14.15 10.55
CA SER A 205 -12.38 14.66 11.26
C SER A 205 -13.62 13.79 11.14
N ARG A 206 -14.46 13.93 12.15
CA ARG A 206 -15.73 13.24 12.22
C ARG A 206 -16.61 13.59 11.01
N PHE A 207 -16.79 14.88 10.76
CA PHE A 207 -17.57 15.39 9.62
C PHE A 207 -17.19 14.75 8.29
N ALA A 208 -15.92 14.84 7.93
CA ALA A 208 -15.46 14.34 6.64
C ALA A 208 -15.61 12.82 6.52
N THR A 209 -15.42 12.13 7.64
CA THR A 209 -15.51 10.67 7.62
C THR A 209 -16.96 10.26 7.37
N ARG A 210 -17.89 10.88 8.10
CA ARG A 210 -19.32 10.59 7.95
C ARG A 210 -19.86 10.80 6.54
N ARG A 211 -19.52 11.95 5.95
CA ARG A 211 -19.96 12.34 4.61
C ARG A 211 -19.54 11.24 3.65
N LEU A 212 -18.25 10.87 3.74
CA LEU A 212 -17.71 9.83 2.89
C LEU A 212 -18.40 8.49 3.09
N MET A 213 -18.55 8.06 4.34
CA MET A 213 -19.19 6.78 4.62
C MET A 213 -20.68 6.75 4.17
N GLU A 214 -21.39 7.86 4.33
CA GLU A 214 -22.79 7.91 3.87
C GLU A 214 -22.84 7.73 2.36
N ARG A 215 -21.95 8.41 1.64
CA ARG A 215 -21.90 8.27 0.19
C ARG A 215 -21.54 6.82 -0.22
N ALA A 216 -20.65 6.17 0.55
CA ALA A 216 -20.26 4.80 0.23
C ALA A 216 -21.44 3.87 0.44
N LEU A 217 -22.16 4.09 1.51
CA LEU A 217 -23.28 3.26 1.85
C LEU A 217 -24.43 3.45 0.84
N GLU A 218 -24.61 4.69 0.38
CA GLU A 218 -25.60 4.94 -0.66
C GLU A 218 -25.26 4.20 -1.95
N TRP A 219 -23.99 4.19 -2.32
CA TRP A 219 -23.53 3.45 -3.51
C TRP A 219 -23.88 1.98 -3.30
N ALA A 220 -23.52 1.42 -2.14
CA ALA A 220 -23.76 0.01 -1.87
C ALA A 220 -25.24 -0.37 -2.00
N LEU A 221 -26.11 0.46 -1.44
CA LEU A 221 -27.56 0.23 -1.53
C LEU A 221 -28.05 0.31 -2.96
N ARG A 222 -27.55 1.31 -3.71
CA ARG A 222 -27.99 1.49 -5.09
C ARG A 222 -27.41 0.43 -6.02
N ASN A 223 -26.26 -0.13 -5.65
CA ASN A 223 -25.65 -1.16 -6.47
C ASN A 223 -25.88 -2.61 -6.00
N GLY A 224 -26.58 -2.78 -4.90
CA GLY A 224 -26.76 -4.10 -4.32
C GLY A 224 -25.46 -4.73 -3.81
N ASN A 225 -24.52 -3.92 -3.35
CA ASN A 225 -23.32 -4.50 -2.76
C ASN A 225 -23.65 -5.08 -1.40
N THR A 226 -22.93 -6.15 -1.04
CA THR A 226 -23.20 -6.81 0.25
C THR A 226 -22.07 -6.69 1.27
N VAL A 227 -20.96 -6.05 0.90
CA VAL A 227 -19.91 -5.72 1.87
C VAL A 227 -19.30 -4.34 1.63
N VAL A 228 -19.16 -3.61 2.74
CA VAL A 228 -18.47 -2.33 2.79
C VAL A 228 -17.37 -2.48 3.86
N THR A 229 -16.14 -2.32 3.41
CA THR A 229 -14.97 -2.55 4.25
C THR A 229 -14.21 -1.25 4.57
N ILE A 230 -14.07 -0.95 5.86
CA ILE A 230 -13.32 0.23 6.31
C ILE A 230 -11.84 -0.11 6.45
N MET A 231 -11.01 0.58 5.68
CA MET A 231 -9.58 0.33 5.68
C MET A 231 -8.85 1.37 6.50
N HIS A 232 -8.19 0.91 7.56
CA HIS A 232 -7.60 1.85 8.52
C HIS A 232 -6.36 1.26 9.19
N LYS A 233 -5.55 2.13 9.77
CA LYS A 233 -4.39 1.71 10.55
C LYS A 233 -4.65 2.13 12.01
N GLY A 234 -5.83 1.78 12.51
CA GLY A 234 -6.33 2.27 13.78
C GLY A 234 -5.65 1.69 15.00
N ASN A 235 -4.90 0.61 14.80
CA ASN A 235 -4.12 0.02 15.88
C ASN A 235 -2.92 0.88 16.26
N ILE A 236 -2.32 1.55 15.28
CA ILE A 236 -1.14 2.41 15.47
C ILE A 236 -1.52 3.88 15.59
N MET A 237 -2.42 4.30 14.70
CA MET A 237 -2.93 5.68 14.66
C MET A 237 -4.35 5.74 15.23
N LYS A 238 -4.42 5.70 16.56
CA LYS A 238 -5.70 5.51 17.26
C LYS A 238 -6.69 6.65 17.06
N TYR A 239 -6.17 7.88 17.02
CA TYR A 239 -7.01 9.07 17.08
C TYR A 239 -7.26 9.74 15.75
N THR A 240 -6.61 9.24 14.70
CA THR A 240 -6.92 9.66 13.32
C THR A 240 -7.58 8.50 12.56
N GLU A 241 -6.82 7.46 12.26
CA GLU A 241 -7.37 6.32 11.54
C GLU A 241 -8.33 5.46 12.33
N GLY A 242 -8.00 5.16 13.60
CA GLY A 242 -8.92 4.50 14.50
C GLY A 242 -10.23 5.26 14.61
N ALA A 243 -10.13 6.58 14.75
CA ALA A 243 -11.31 7.44 14.84
C ALA A 243 -12.11 7.37 13.52
N PHE A 244 -11.42 7.49 12.39
CA PHE A 244 -12.05 7.29 11.07
C PHE A 244 -12.92 6.01 11.12
N MET A 245 -12.34 4.92 11.59
CA MET A 245 -13.02 3.62 11.66
C MET A 245 -14.25 3.67 12.57
N ARG A 246 -14.08 4.23 13.76
CA ARG A 246 -15.17 4.32 14.74
C ARG A 246 -16.32 5.18 14.22
N TRP A 247 -15.98 6.34 13.67
CA TRP A 247 -17.00 7.24 13.14
C TRP A 247 -17.74 6.66 11.95
N ALA A 248 -17.03 5.88 11.13
CA ALA A 248 -17.61 5.23 9.96
C ALA A 248 -18.63 4.16 10.36
N TYR A 249 -18.29 3.33 11.35
CA TYR A 249 -19.23 2.36 11.94
C TYR A 249 -20.42 3.09 12.55
N GLU A 250 -20.13 4.12 13.34
CA GLU A 250 -21.16 4.90 14.03
C GLU A 250 -22.26 5.41 13.08
N VAL A 251 -21.85 6.06 11.98
CA VAL A 251 -22.84 6.61 11.04
C VAL A 251 -23.61 5.51 10.29
N ALA A 252 -22.95 4.38 10.00
CA ALA A 252 -23.60 3.22 9.41
C ALA A 252 -24.78 2.77 10.28
N LEU A 253 -24.53 2.60 11.57
CA LEU A 253 -25.54 2.11 12.48
C LEU A 253 -26.59 3.20 12.76
N GLU A 254 -26.17 4.48 12.70
CA GLU A 254 -27.06 5.61 13.02
C GLU A 254 -28.08 5.86 11.89
N LYS A 255 -27.60 5.81 10.65
CA LYS A 255 -28.36 6.22 9.48
C LYS A 255 -28.80 5.08 8.54
N PHE A 256 -28.18 3.91 8.65
CA PHE A 256 -28.51 2.78 7.77
C PHE A 256 -28.76 1.52 8.60
N ARG A 257 -29.27 1.71 9.80
CA ARG A 257 -29.41 0.63 10.76
C ARG A 257 -30.14 -0.59 10.14
N GLU A 258 -31.28 -0.36 9.51
CA GLU A 258 -32.05 -1.46 8.95
C GLU A 258 -31.40 -2.11 7.72
N HIS A 259 -30.39 -1.48 7.15
CA HIS A 259 -29.74 -2.02 5.95
C HIS A 259 -28.39 -2.72 6.19
N VAL A 260 -27.82 -2.57 7.38
CA VAL A 260 -26.47 -3.07 7.67
C VAL A 260 -26.40 -4.00 8.88
N VAL A 261 -25.34 -4.80 8.93
CA VAL A 261 -24.94 -5.56 10.11
C VAL A 261 -23.42 -5.53 10.15
N THR A 262 -22.85 -5.41 11.35
CA THR A 262 -21.39 -5.37 11.44
C THR A 262 -20.82 -6.78 11.51
N GLU A 263 -19.53 -6.92 11.24
CA GLU A 263 -18.90 -8.23 11.37
C GLU A 263 -19.07 -8.73 12.81
N GLN A 264 -18.88 -7.82 13.75
CA GLN A 264 -19.09 -8.14 15.17
C GLN A 264 -20.46 -8.75 15.39
N GLU A 265 -21.51 -8.17 14.79
CA GLU A 265 -22.86 -8.68 15.04
C GLU A 265 -23.09 -10.02 14.37
N VAL A 266 -22.53 -10.18 13.17
CA VAL A 266 -22.67 -11.45 12.50
C VAL A 266 -22.10 -12.60 13.33
N GLN A 267 -20.89 -12.39 13.86
CA GLN A 267 -20.15 -13.44 14.57
C GLN A 267 -20.58 -13.64 16.03
N GLU A 268 -21.71 -13.09 16.44
CA GLU A 268 -22.21 -13.27 17.81
C GLU A 268 -23.72 -13.12 17.92
N LYS A 269 -24.36 -12.74 16.83
CA LYS A 269 -25.79 -12.56 16.81
C LYS A 269 -26.41 -13.42 15.71
N TYR A 270 -25.66 -13.63 14.62
CA TYR A 270 -26.19 -14.31 13.42
C TYR A 270 -25.49 -15.63 13.02
N GLY A 271 -24.55 -16.09 13.85
CA GLY A 271 -23.89 -17.37 13.65
C GLY A 271 -23.00 -17.47 12.42
N GLY A 272 -22.17 -16.44 12.18
CA GLY A 272 -21.26 -16.43 11.04
C GLY A 272 -21.91 -16.17 9.67
N VAL A 273 -23.24 -16.11 9.64
CA VAL A 273 -23.96 -15.90 8.36
C VAL A 273 -24.57 -14.51 8.26
N ARG A 274 -24.09 -13.77 7.27
CA ARG A 274 -24.64 -12.48 6.89
C ARG A 274 -26.10 -12.67 6.43
N PRO A 275 -27.08 -12.12 7.17
CA PRO A 275 -28.50 -12.28 6.82
C PRO A 275 -28.82 -11.70 5.44
N GLU A 276 -29.79 -12.29 4.76
CA GLU A 276 -30.18 -11.87 3.43
C GLU A 276 -30.71 -10.44 3.49
N GLY A 277 -30.36 -9.64 2.49
CA GLY A 277 -30.82 -8.26 2.40
C GLY A 277 -30.04 -7.21 3.18
N LYS A 278 -29.00 -7.63 3.91
CA LYS A 278 -28.20 -6.69 4.70
C LYS A 278 -26.79 -6.50 4.14
N ILE A 279 -26.25 -5.29 4.27
CA ILE A 279 -24.87 -5.03 3.91
C ILE A 279 -23.98 -5.36 5.10
N LEU A 280 -22.98 -6.20 4.87
CA LEU A 280 -21.97 -6.44 5.90
C LEU A 280 -21.02 -5.23 5.96
N VAL A 281 -20.91 -4.59 7.12
CA VAL A 281 -19.93 -3.51 7.31
C VAL A 281 -18.83 -4.04 8.21
N ASN A 282 -17.63 -4.15 7.67
CA ASN A 282 -16.49 -4.68 8.41
C ASN A 282 -15.29 -3.75 8.23
N ASP A 283 -14.16 -4.13 8.81
CA ASP A 283 -13.00 -3.28 8.79
C ASP A 283 -11.75 -4.14 8.76
N ARG A 284 -10.70 -3.61 8.13
CA ARG A 284 -9.43 -4.32 8.01
C ARG A 284 -8.29 -3.35 8.25
N ILE A 285 -7.29 -3.82 8.97
CA ILE A 285 -6.05 -3.08 9.18
C ILE A 285 -5.39 -2.92 7.81
N ALA A 286 -4.91 -1.70 7.54
CA ALA A 286 -4.52 -1.27 6.20
C ALA A 286 -3.54 -2.20 5.50
N ASP A 287 -2.49 -2.63 6.19
CA ASP A 287 -1.51 -3.52 5.56
C ASP A 287 -2.13 -4.88 5.30
N ASN A 288 -2.96 -5.34 6.23
CA ASN A 288 -3.72 -6.56 5.99
C ASN A 288 -4.73 -6.44 4.84
N MET A 289 -5.32 -5.26 4.67
CA MET A 289 -6.25 -5.03 3.57
C MET A 289 -5.54 -5.23 2.23
N LEU A 290 -4.34 -4.65 2.11
CA LEU A 290 -3.49 -4.85 0.94
C LEU A 290 -3.26 -6.33 0.66
N GLN A 291 -2.95 -7.10 1.70
CA GLN A 291 -2.71 -8.54 1.55
C GLN A 291 -4.00 -9.25 1.10
N GLN A 292 -5.12 -8.81 1.67
CA GLN A 292 -6.40 -9.45 1.42
C GLN A 292 -6.94 -9.27 0.02
N ILE A 293 -6.79 -8.08 -0.57
CA ILE A 293 -7.19 -7.94 -1.97
C ILE A 293 -6.31 -8.78 -2.91
N ILE A 294 -5.08 -9.10 -2.47
CA ILE A 294 -4.20 -9.97 -3.23
C ILE A 294 -4.60 -11.41 -3.04
N THR A 295 -4.92 -11.77 -1.80
CA THR A 295 -5.16 -13.17 -1.45
C THR A 295 -6.62 -13.62 -1.61
N ARG A 296 -7.56 -12.73 -1.25
CA ARG A 296 -8.99 -13.08 -1.26
C ARG A 296 -9.84 -11.92 -1.83
N PRO A 297 -9.56 -11.48 -3.06
CA PRO A 297 -10.23 -10.28 -3.59
C PRO A 297 -11.75 -10.45 -3.68
N TRP A 298 -12.23 -11.70 -3.81
CA TRP A 298 -13.67 -12.01 -3.85
C TRP A 298 -14.42 -11.64 -2.56
N ASP A 299 -13.66 -11.38 -1.49
CA ASP A 299 -14.25 -11.04 -0.20
C ASP A 299 -14.58 -9.57 -0.04
N TYR A 300 -14.18 -8.75 -1.03
CA TYR A 300 -14.30 -7.30 -0.96
C TYR A 300 -15.03 -6.68 -2.14
N GLN A 301 -15.85 -5.67 -1.82
CA GLN A 301 -16.60 -4.92 -2.82
C GLN A 301 -16.37 -3.40 -2.67
N VAL A 302 -17.03 -2.79 -1.71
CA VAL A 302 -16.88 -1.37 -1.49
C VAL A 302 -15.85 -1.22 -0.37
N ILE A 303 -14.85 -0.38 -0.63
CA ILE A 303 -13.80 -0.11 0.35
C ILE A 303 -13.85 1.37 0.71
N VAL A 304 -13.89 1.66 2.00
CA VAL A 304 -13.93 3.03 2.46
C VAL A 304 -12.62 3.32 3.19
N ALA A 305 -11.94 4.39 2.79
CA ALA A 305 -10.64 4.69 3.33
C ALA A 305 -10.38 6.19 3.47
N PRO A 306 -9.51 6.55 4.41
CA PRO A 306 -8.97 7.92 4.44
C PRO A 306 -8.06 8.15 3.22
N ASN A 307 -7.66 9.39 3.02
CA ASN A 307 -6.98 9.82 1.81
C ASN A 307 -5.84 8.90 1.32
N LEU A 308 -4.81 8.72 2.14
CA LEU A 308 -3.62 7.97 1.75
C LEU A 308 -3.93 6.51 1.53
N ASN A 309 -4.60 5.87 2.50
CA ASN A 309 -4.97 4.47 2.35
C ASN A 309 -5.76 4.20 1.06
N GLY A 310 -6.66 5.12 0.72
CA GLY A 310 -7.49 4.97 -0.47
C GLY A 310 -6.63 5.03 -1.72
N ASP A 311 -5.70 5.98 -1.72
CA ASP A 311 -4.73 6.14 -2.79
C ASP A 311 -3.95 4.83 -3.02
N TYR A 312 -3.37 4.29 -1.97
CA TYR A 312 -2.59 3.06 -2.08
C TYR A 312 -3.41 1.84 -2.55
N ILE A 313 -4.56 1.58 -1.91
CA ILE A 313 -5.35 0.38 -2.23
C ILE A 313 -5.97 0.42 -3.63
N SER A 314 -6.47 1.59 -4.04
CA SER A 314 -6.94 1.74 -5.41
C SER A 314 -5.85 1.47 -6.44
N ASP A 315 -4.66 2.01 -6.23
CA ASP A 315 -3.54 1.77 -7.15
C ASP A 315 -3.15 0.29 -7.19
N ALA A 316 -3.07 -0.37 -6.04
CA ALA A 316 -2.71 -1.78 -5.96
C ALA A 316 -3.73 -2.66 -6.72
N ALA A 317 -5.00 -2.42 -6.45
CA ALA A 317 -6.08 -3.10 -7.16
C ALA A 317 -5.99 -2.93 -8.68
N SER A 318 -5.75 -1.71 -9.15
CA SER A 318 -5.61 -1.46 -10.60
C SER A 318 -4.48 -2.25 -11.23
N ALA A 319 -3.35 -2.33 -10.53
CA ALA A 319 -2.21 -3.13 -11.00
C ALA A 319 -2.51 -4.60 -11.08
N LEU A 320 -3.20 -5.12 -10.06
CA LEU A 320 -3.58 -6.53 -10.05
C LEU A 320 -4.35 -6.94 -11.32
N VAL A 321 -5.24 -6.07 -11.81
CA VAL A 321 -6.10 -6.42 -12.96
C VAL A 321 -5.49 -6.06 -14.31
N GLY A 322 -4.22 -5.66 -14.32
CA GLY A 322 -3.57 -5.13 -15.53
C GLY A 322 -4.27 -3.86 -16.00
N GLY A 323 -4.81 -3.11 -15.05
CA GLY A 323 -5.58 -1.91 -15.35
C GLY A 323 -4.94 -0.57 -15.01
N ILE A 324 -3.61 -0.49 -14.93
CA ILE A 324 -2.98 0.76 -14.48
C ILE A 324 -3.38 1.97 -15.32
N GLY A 325 -3.20 1.86 -16.63
CA GLY A 325 -3.54 2.97 -17.50
C GLY A 325 -5.02 3.04 -17.85
N MET A 326 -5.80 2.06 -17.43
CA MET A 326 -7.26 2.02 -17.70
C MET A 326 -8.14 2.49 -16.53
N ALA A 327 -7.54 2.90 -15.41
CA ALA A 327 -8.31 3.16 -14.20
C ALA A 327 -9.10 4.46 -14.31
N ALA A 328 -10.38 4.38 -13.99
CA ALA A 328 -11.30 5.54 -13.98
C ALA A 328 -11.52 6.02 -12.55
N GLY A 329 -11.94 7.27 -12.43
CA GLY A 329 -12.24 7.82 -11.13
C GLY A 329 -13.17 8.99 -11.27
N MET A 330 -13.71 9.45 -10.15
CA MET A 330 -14.63 10.55 -10.17
C MET A 330 -14.50 11.21 -8.83
N ASN A 331 -14.55 12.53 -8.80
CA ASN A 331 -14.57 13.25 -7.56
C ASN A 331 -15.96 13.84 -7.37
N MET A 332 -16.60 13.50 -6.27
CA MET A 332 -18.02 13.75 -6.06
C MET A 332 -18.24 14.55 -4.79
N GLY A 333 -19.11 15.54 -4.87
CA GLY A 333 -19.58 16.31 -3.74
C GLY A 333 -21.04 15.95 -3.49
N ASP A 334 -21.81 16.85 -2.88
CA ASP A 334 -23.25 16.65 -2.73
C ASP A 334 -23.97 17.04 -4.03
N GLY A 335 -24.42 16.04 -4.79
CA GLY A 335 -25.16 16.27 -6.03
C GLY A 335 -24.38 16.95 -7.14
N ILE A 336 -23.06 16.73 -7.15
CA ILE A 336 -22.16 17.25 -8.16
C ILE A 336 -20.99 16.28 -8.32
N ALA A 337 -20.52 16.08 -9.56
CA ALA A 337 -19.44 15.13 -9.82
C ALA A 337 -18.64 15.49 -11.05
N VAL A 338 -17.35 15.26 -10.97
CA VAL A 338 -16.46 15.46 -12.09
C VAL A 338 -15.70 14.15 -12.24
N ALA A 339 -15.85 13.48 -13.39
CA ALA A 339 -15.16 12.23 -13.65
C ALA A 339 -13.90 12.45 -14.47
N GLU A 340 -12.88 11.64 -14.18
CA GLU A 340 -11.64 11.68 -14.94
C GLU A 340 -10.76 10.46 -14.70
N PRO A 341 -9.89 10.15 -15.66
CA PRO A 341 -8.99 9.01 -15.48
C PRO A 341 -7.96 9.27 -14.37
N VAL A 342 -7.50 8.18 -13.79
CA VAL A 342 -6.41 8.25 -12.82
C VAL A 342 -5.13 8.71 -13.49
N HIS A 343 -4.89 8.30 -14.74
CA HIS A 343 -3.64 8.65 -15.44
C HIS A 343 -3.46 10.16 -15.68
N GLY A 344 -2.21 10.58 -15.88
CA GLY A 344 -1.88 11.96 -16.18
C GLY A 344 -1.95 12.31 -17.67
N THR A 345 -1.25 13.37 -18.06
CA THR A 345 -1.36 13.90 -19.42
C THR A 345 -0.58 13.11 -20.49
N ALA A 346 0.30 12.21 -20.03
CA ALA A 346 1.12 11.34 -20.88
C ALA A 346 1.76 12.11 -22.05
N PRO A 347 2.57 13.11 -21.73
CA PRO A 347 3.07 14.10 -22.71
C PRO A 347 3.67 13.47 -23.97
N LYS A 348 4.33 12.33 -23.85
CA LYS A 348 5.04 11.72 -24.98
C LYS A 348 4.10 11.06 -25.98
N TYR A 349 2.84 10.86 -25.56
CA TYR A 349 1.82 10.28 -26.39
C TYR A 349 0.87 11.33 -26.95
N ALA A 350 0.93 12.56 -26.45
CA ALA A 350 -0.03 13.60 -26.84
C ALA A 350 -0.07 13.80 -28.35
N GLY A 351 -1.25 13.63 -28.94
CA GLY A 351 -1.47 13.90 -30.36
C GLY A 351 -0.95 12.85 -31.33
N LYS A 352 -0.59 11.67 -30.83
CA LYS A 352 -0.04 10.65 -31.71
C LYS A 352 -1.03 9.55 -32.10
N ASP A 353 -2.27 9.65 -31.63
CA ASP A 353 -3.28 8.62 -31.88
C ASP A 353 -2.80 7.20 -31.42
N LEU A 354 -2.09 7.15 -30.30
CA LEU A 354 -1.55 5.89 -29.75
C LEU A 354 -2.18 5.51 -28.40
N ILE A 355 -2.55 6.51 -27.62
CA ILE A 355 -3.04 6.35 -26.26
C ILE A 355 -4.28 5.46 -26.15
N ASN A 356 -4.35 4.66 -25.08
CA ASN A 356 -5.55 3.92 -24.73
C ASN A 356 -6.62 4.88 -24.13
N PRO A 357 -7.77 5.06 -24.80
CA PRO A 357 -8.81 5.95 -24.29
C PRO A 357 -9.75 5.28 -23.29
N SER A 358 -9.47 4.02 -22.95
CA SER A 358 -10.34 3.27 -22.05
C SER A 358 -10.62 3.95 -20.69
N ALA A 359 -9.57 4.44 -20.04
CA ALA A 359 -9.73 5.15 -18.79
C ALA A 359 -10.73 6.31 -18.88
N GLU A 360 -10.59 7.17 -19.88
CA GLU A 360 -11.51 8.27 -20.08
C GLU A 360 -12.93 7.77 -20.39
N ILE A 361 -13.04 6.76 -21.25
CA ILE A 361 -14.32 6.14 -21.56
C ILE A 361 -14.98 5.60 -20.30
N LEU A 362 -14.22 4.86 -19.49
CA LEU A 362 -14.74 4.31 -18.26
C LEU A 362 -15.04 5.38 -17.20
N SER A 363 -14.36 6.52 -17.28
CA SER A 363 -14.71 7.67 -16.45
C SER A 363 -16.06 8.25 -16.84
N ALA A 364 -16.32 8.40 -18.13
CA ALA A 364 -17.64 8.83 -18.62
C ALA A 364 -18.71 7.81 -18.22
N SER A 365 -18.35 6.54 -18.29
CA SER A 365 -19.28 5.47 -17.97
C SER A 365 -19.67 5.48 -16.48
N LEU A 366 -18.72 5.85 -15.63
CA LEU A 366 -18.95 5.99 -14.21
C LEU A 366 -19.82 7.21 -13.93
N LEU A 367 -19.49 8.34 -14.56
CA LEU A 367 -20.31 9.55 -14.42
C LEU A 367 -21.77 9.32 -14.87
N ILE A 368 -21.97 8.83 -16.09
CA ILE A 368 -23.32 8.73 -16.65
C ILE A 368 -24.06 7.50 -16.11
N GLY A 369 -23.36 6.39 -15.99
CA GLY A 369 -23.95 5.14 -15.54
C GLY A 369 -24.21 5.06 -14.04
N GLU A 370 -23.31 5.59 -13.24
CA GLU A 370 -23.48 5.47 -11.79
C GLU A 370 -23.98 6.78 -11.15
N PHE A 371 -23.27 7.88 -11.32
CA PHE A 371 -23.70 9.13 -10.73
C PHE A 371 -25.05 9.62 -11.31
N MET A 372 -25.18 9.58 -12.63
CA MET A 372 -26.42 10.03 -13.28
C MET A 372 -27.50 8.95 -13.38
N GLY A 373 -27.12 7.71 -13.12
CA GLY A 373 -28.11 6.63 -13.02
C GLY A 373 -28.43 5.94 -14.33
N TRP A 374 -27.69 6.23 -15.40
CA TRP A 374 -28.01 5.59 -16.67
C TRP A 374 -27.30 4.27 -16.80
N ARG A 375 -27.73 3.27 -16.03
CA ARG A 375 -26.93 2.04 -15.85
C ARG A 375 -26.63 1.34 -17.17
N GLU A 376 -27.60 1.31 -18.08
CA GLU A 376 -27.42 0.50 -19.30
C GLU A 376 -26.29 1.03 -20.18
N VAL A 377 -26.04 2.33 -20.10
CA VAL A 377 -24.88 2.92 -20.75
C VAL A 377 -23.61 2.25 -20.22
N LYS A 378 -23.47 2.15 -18.89
CA LYS A 378 -22.36 1.42 -18.27
C LYS A 378 -22.26 -0.02 -18.74
N SER A 379 -23.39 -0.74 -18.69
CA SER A 379 -23.44 -2.13 -19.15
C SER A 379 -22.89 -2.31 -20.57
N ILE A 380 -23.38 -1.50 -21.52
CA ILE A 380 -23.00 -1.72 -22.90
C ILE A 380 -21.56 -1.27 -23.13
N VAL A 381 -21.14 -0.23 -22.43
CA VAL A 381 -19.75 0.23 -22.58
C VAL A 381 -18.76 -0.84 -22.06
N GLU A 382 -19.04 -1.40 -20.89
CA GLU A 382 -18.21 -2.46 -20.33
C GLU A 382 -18.20 -3.67 -21.24
N TYR A 383 -19.37 -4.02 -21.76
CA TYR A 383 -19.50 -5.09 -22.73
C TYR A 383 -18.58 -4.86 -23.94
N ALA A 384 -18.62 -3.64 -24.49
CA ALA A 384 -17.84 -3.31 -25.68
C ALA A 384 -16.34 -3.46 -25.41
N ILE A 385 -15.90 -2.93 -24.27
CA ILE A 385 -14.50 -3.05 -23.89
C ILE A 385 -14.09 -4.52 -23.69
N ARG A 386 -14.90 -5.30 -22.96
CA ARG A 386 -14.59 -6.74 -22.82
C ARG A 386 -14.48 -7.47 -24.17
N LYS A 387 -15.43 -7.18 -25.07
CA LYS A 387 -15.42 -7.72 -26.43
C LYS A 387 -14.14 -7.37 -27.22
N ALA A 388 -13.71 -6.12 -27.14
CA ALA A 388 -12.51 -5.66 -27.83
C ALA A 388 -11.29 -6.40 -27.30
N VAL A 389 -11.19 -6.49 -25.98
CA VAL A 389 -10.11 -7.23 -25.33
C VAL A 389 -10.13 -8.69 -25.80
N GLN A 390 -11.29 -9.36 -25.69
CA GLN A 390 -11.45 -10.76 -26.13
C GLN A 390 -11.07 -10.94 -27.59
N SER A 391 -11.41 -9.97 -28.43
CA SER A 391 -11.10 -10.06 -29.86
C SER A 391 -9.71 -9.54 -30.23
N LYS A 392 -8.96 -9.07 -29.23
CA LYS A 392 -7.58 -8.57 -29.43
C LYS A 392 -7.58 -7.38 -30.38
N LYS A 393 -8.56 -6.50 -30.16
CA LYS A 393 -8.74 -5.28 -30.93
C LYS A 393 -8.51 -4.13 -29.92
N VAL A 394 -7.23 -3.81 -29.72
CA VAL A 394 -6.81 -2.97 -28.60
C VAL A 394 -5.64 -2.09 -28.96
N THR A 395 -5.44 -1.06 -28.13
CA THR A 395 -4.30 -0.16 -28.29
C THR A 395 -3.02 -0.87 -27.83
N GLN A 396 -1.88 -0.25 -28.16
CA GLN A 396 -0.53 -0.84 -27.96
C GLN A 396 -0.21 -1.25 -26.52
N ASP A 397 -0.64 -0.44 -25.55
CA ASP A 397 -0.35 -0.72 -24.14
C ASP A 397 -0.87 -2.11 -23.74
N LEU A 398 -2.00 -2.53 -24.36
CA LEU A 398 -2.56 -3.86 -24.18
C LEU A 398 -2.03 -4.83 -25.22
N ALA A 399 -1.93 -4.38 -26.48
CA ALA A 399 -1.57 -5.29 -27.56
C ALA A 399 -0.18 -5.86 -27.42
N ARG A 400 0.75 -5.08 -26.85
CA ARG A 400 2.13 -5.57 -26.72
C ARG A 400 2.25 -6.85 -25.90
N HIS A 401 1.23 -7.14 -25.09
CA HIS A 401 1.22 -8.32 -24.23
C HIS A 401 0.56 -9.51 -24.91
N MET A 402 0.12 -9.35 -26.16
CA MET A 402 -0.58 -10.40 -26.92
C MET A 402 0.15 -10.80 -28.19
N PRO A 403 0.66 -12.03 -28.21
CA PRO A 403 1.35 -12.54 -29.39
C PRO A 403 0.59 -12.45 -30.71
N GLY A 404 1.27 -11.97 -31.74
CA GLY A 404 0.68 -11.86 -33.07
C GLY A 404 -0.25 -10.69 -33.33
N VAL A 405 -0.51 -9.86 -32.32
CA VAL A 405 -1.58 -8.86 -32.45
C VAL A 405 -1.07 -7.49 -32.93
N GLN A 406 -1.66 -6.98 -33.99
CA GLN A 406 -1.36 -5.63 -34.48
C GLN A 406 -2.14 -4.61 -33.69
N PRO A 407 -1.43 -3.68 -33.03
CA PRO A 407 -2.09 -2.69 -32.18
C PRO A 407 -3.00 -1.76 -32.98
N LEU A 408 -4.10 -1.37 -32.35
CA LEU A 408 -4.96 -0.34 -32.92
C LEU A 408 -4.52 1.07 -32.50
N ARG A 409 -4.70 2.02 -33.40
CA ARG A 409 -4.63 3.44 -33.03
C ARG A 409 -5.85 3.79 -32.17
N THR A 410 -5.69 4.82 -31.32
CA THR A 410 -6.78 5.36 -30.52
C THR A 410 -8.10 5.47 -31.33
N SER A 411 -8.02 6.15 -32.48
CA SER A 411 -9.18 6.37 -33.35
C SER A 411 -9.77 5.04 -33.83
N GLU A 412 -8.90 4.08 -34.16
CA GLU A 412 -9.37 2.77 -34.61
C GLU A 412 -10.09 2.03 -33.51
N TYR A 413 -9.55 2.09 -32.29
CA TYR A 413 -10.13 1.42 -31.14
C TYR A 413 -11.48 2.03 -30.79
N THR A 414 -11.55 3.34 -30.83
CA THR A 414 -12.83 4.03 -30.72
C THR A 414 -13.88 3.49 -31.69
N GLU A 415 -13.51 3.36 -32.97
CA GLU A 415 -14.49 2.93 -33.96
C GLU A 415 -14.86 1.45 -33.71
N THR A 416 -13.88 0.69 -33.20
CA THR A 416 -14.12 -0.72 -32.87
C THR A 416 -15.15 -0.87 -31.74
N LEU A 417 -15.01 -0.06 -30.70
CA LEU A 417 -15.96 -0.07 -29.59
C LEU A 417 -17.37 0.30 -30.10
N ILE A 418 -17.42 1.31 -30.97
CA ILE A 418 -18.69 1.77 -31.54
C ILE A 418 -19.34 0.66 -32.36
N ALA A 419 -18.57 -0.05 -33.19
CA ALA A 419 -19.09 -1.19 -33.94
C ALA A 419 -19.69 -2.23 -33.01
N TYR A 420 -18.96 -2.58 -31.94
CA TYR A 420 -19.45 -3.59 -31.00
C TYR A 420 -20.73 -3.14 -30.32
N ILE A 421 -20.78 -1.86 -29.97
CA ILE A 421 -21.97 -1.28 -29.35
C ILE A 421 -23.14 -1.35 -30.33
N ASP A 422 -22.89 -0.97 -31.59
CA ASP A 422 -23.92 -0.91 -32.62
C ASP A 422 -24.49 -2.30 -32.92
N GLU A 423 -23.65 -3.32 -32.80
CA GLU A 423 -23.97 -4.70 -33.22
C GLU A 423 -24.49 -5.55 -32.07
N ALA A 424 -24.47 -4.98 -30.88
CA ALA A 424 -24.78 -5.71 -29.67
C ALA A 424 -26.21 -6.25 -29.66
N ASP A 425 -26.34 -7.51 -29.24
CA ASP A 425 -27.64 -8.10 -28.94
C ASP A 425 -28.02 -7.72 -27.51
N LEU A 426 -28.94 -6.77 -27.38
CA LEU A 426 -29.31 -6.21 -26.09
C LEU A 426 -29.95 -7.20 -25.16
N ASN A 427 -30.69 -8.16 -25.73
CA ASN A 427 -31.32 -9.20 -24.92
C ASN A 427 -30.30 -9.94 -24.08
N GLU A 428 -29.12 -10.15 -24.64
CA GLU A 428 -28.02 -10.79 -23.92
C GLU A 428 -27.23 -9.79 -23.08
N VAL A 429 -26.93 -8.62 -23.63
CA VAL A 429 -26.09 -7.65 -22.94
C VAL A 429 -26.75 -7.07 -21.68
N LEU A 430 -28.04 -6.76 -21.76
CA LEU A 430 -28.70 -6.06 -20.67
C LEU A 430 -29.54 -6.96 -19.79
N ALA A 431 -29.38 -8.26 -19.93
CA ALA A 431 -30.15 -9.21 -19.11
C ALA A 431 -29.65 -9.14 -17.66
N GLY A 432 -30.44 -9.64 -16.70
CA GLY A 432 -29.99 -9.71 -15.31
C GLY A 432 -29.36 -8.43 -14.77
N PRO B 7 18.68 -20.80 33.23
CA PRO B 7 17.67 -19.90 32.56
C PRO B 7 17.37 -18.66 33.43
N PRO B 8 17.82 -17.48 32.98
CA PRO B 8 17.98 -16.31 33.87
C PRO B 8 16.71 -15.51 34.12
N CYS B 9 16.63 -14.86 35.29
CA CYS B 9 15.51 -13.98 35.64
C CYS B 9 15.94 -12.54 35.90
N THR B 10 17.25 -12.34 36.13
CA THR B 10 17.81 -11.05 36.51
C THR B 10 19.20 -10.85 35.94
N THR B 11 19.74 -9.63 36.12
CA THR B 11 20.97 -9.22 35.46
C THR B 11 22.19 -9.92 36.04
N GLU B 12 22.40 -9.75 37.34
CA GLU B 12 23.55 -10.32 38.03
C GLU B 12 23.42 -11.83 38.17
N GLU B 13 22.91 -12.46 37.12
CA GLU B 13 22.85 -13.92 36.96
C GLU B 13 22.93 -14.29 35.45
N LEU B 14 23.30 -13.31 34.63
CA LEU B 14 23.58 -13.52 33.21
C LEU B 14 24.95 -14.18 33.04
N SER B 15 24.98 -15.25 32.24
CA SER B 15 26.19 -16.03 32.01
C SER B 15 25.98 -16.92 30.77
N PRO B 16 26.80 -16.69 29.74
CA PRO B 16 26.65 -17.44 28.48
C PRO B 16 26.98 -18.92 28.77
N PRO B 17 26.40 -19.87 28.03
CA PRO B 17 26.72 -21.29 28.22
C PRO B 17 28.22 -21.51 28.02
N PRO B 18 28.82 -22.36 28.86
CA PRO B 18 30.29 -22.44 29.00
C PRO B 18 31.08 -22.82 27.75
N GLY B 19 30.45 -23.41 26.74
CA GLY B 19 31.18 -23.90 25.59
C GLY B 19 31.40 -22.87 24.51
N GLY B 20 30.88 -21.66 24.70
CA GLY B 20 30.80 -20.68 23.63
C GLY B 20 31.46 -19.32 23.80
N SER B 21 31.57 -18.62 22.68
CA SER B 21 32.19 -17.30 22.61
C SER B 21 31.25 -16.20 22.10
N LEU B 22 31.51 -14.98 22.56
CA LEU B 22 30.66 -13.82 22.28
C LEU B 22 31.00 -13.17 20.95
N VAL B 23 29.95 -12.74 20.26
CA VAL B 23 30.07 -11.90 19.08
C VAL B 23 30.48 -10.51 19.58
N GLU B 24 31.35 -9.83 18.84
CA GLU B 24 31.75 -8.48 19.22
C GLU B 24 31.59 -7.51 18.06
N TYR B 25 31.31 -6.25 18.42
CA TYR B 25 31.21 -5.12 17.48
C TYR B 25 32.29 -4.07 17.82
N SER B 26 32.99 -3.60 16.79
CA SER B 26 34.16 -2.72 16.96
C SER B 26 34.40 -1.93 15.67
N GLY B 27 34.18 -0.63 15.75
CA GLY B 27 34.38 0.26 14.62
C GLY B 27 33.60 -0.14 13.40
N GLY B 28 32.27 -0.04 13.48
CA GLY B 28 31.39 -0.36 12.37
C GLY B 28 31.56 -1.73 11.73
N SER B 29 32.17 -2.65 12.47
CA SER B 29 32.55 -3.95 11.93
C SER B 29 32.12 -5.07 12.88
N LEU B 30 31.28 -5.99 12.39
CA LEU B 30 30.92 -7.16 13.17
C LEU B 30 32.00 -8.24 13.02
N ARG B 31 32.48 -8.76 14.15
CA ARG B 31 33.43 -9.85 14.15
C ARG B 31 32.85 -11.07 14.88
N VAL B 32 32.82 -12.21 14.19
CA VAL B 32 32.07 -13.39 14.62
C VAL B 32 32.92 -14.67 14.76
N PRO B 33 33.02 -15.18 15.99
CA PRO B 33 33.78 -16.41 16.25
C PRO B 33 33.02 -17.64 15.74
N ASP B 34 33.74 -18.76 15.54
CA ASP B 34 33.12 -19.96 14.96
C ASP B 34 32.31 -20.79 15.96
N ASN B 35 32.37 -20.43 17.25
CA ASN B 35 31.51 -21.00 18.29
C ASN B 35 30.61 -19.97 19.01
N PRO B 36 29.80 -19.22 18.26
CA PRO B 36 29.20 -17.99 18.78
C PRO B 36 28.06 -18.25 19.77
N VAL B 37 27.84 -17.28 20.65
CA VAL B 37 26.62 -17.30 21.43
C VAL B 37 25.55 -16.58 20.62
N VAL B 38 24.42 -17.25 20.49
CA VAL B 38 23.22 -16.61 19.97
C VAL B 38 22.10 -16.89 20.96
N ALA B 39 21.48 -15.81 21.43
CA ALA B 39 20.37 -15.93 22.36
C ALA B 39 19.17 -16.46 21.62
N PHE B 40 18.24 -17.10 22.34
CA PHE B 40 16.95 -17.42 21.76
C PHE B 40 15.80 -17.33 22.77
N ILE B 41 14.73 -16.66 22.37
CA ILE B 41 13.55 -16.52 23.22
C ILE B 41 12.38 -17.29 22.61
N ARG B 42 11.85 -18.23 23.37
CA ARG B 42 10.79 -19.10 22.89
C ARG B 42 9.45 -18.39 22.75
N GLY B 43 9.18 -17.43 23.62
CA GLY B 43 7.96 -16.66 23.54
C GLY B 43 6.66 -17.46 23.66
N ASP B 44 5.63 -16.98 22.98
CA ASP B 44 4.25 -17.40 23.28
C ASP B 44 3.53 -18.08 22.12
N GLY B 45 2.57 -18.92 22.49
CA GLY B 45 1.74 -19.63 21.52
C GLY B 45 2.54 -20.64 20.74
N VAL B 46 2.48 -20.55 19.43
CA VAL B 46 3.30 -21.40 18.56
C VAL B 46 4.78 -21.14 18.77
N GLY B 47 5.07 -20.02 19.45
CA GLY B 47 6.43 -19.61 19.74
C GLY B 47 7.44 -20.71 20.03
N PRO B 48 7.34 -21.33 21.22
CA PRO B 48 8.29 -22.37 21.62
C PRO B 48 8.54 -23.42 20.53
N GLU B 49 7.47 -23.86 19.86
CA GLU B 49 7.54 -24.84 18.76
C GLU B 49 8.41 -24.37 17.60
N VAL B 50 8.04 -23.26 16.96
CA VAL B 50 8.76 -22.80 15.77
C VAL B 50 10.24 -22.50 16.02
N VAL B 51 10.57 -22.04 17.23
CA VAL B 51 11.97 -21.76 17.62
C VAL B 51 12.73 -23.07 17.83
N GLU B 52 12.03 -24.06 18.40
CA GLU B 52 12.63 -25.37 18.60
C GLU B 52 12.98 -25.95 17.22
N SER B 53 12.01 -25.99 16.33
CA SER B 53 12.24 -26.41 14.96
C SER B 53 13.40 -25.63 14.29
N ALA B 54 13.41 -24.31 14.49
CA ALA B 54 14.45 -23.45 13.92
C ALA B 54 15.88 -23.79 14.38
N LEU B 55 16.05 -24.00 15.68
CA LEU B 55 17.37 -24.32 16.23
C LEU B 55 17.93 -25.60 15.63
N LYS B 56 17.04 -26.57 15.44
CA LYS B 56 17.41 -27.90 14.94
C LYS B 56 17.78 -27.86 13.46
N VAL B 57 17.07 -27.03 12.70
CA VAL B 57 17.33 -26.88 11.27
C VAL B 57 18.66 -26.15 11.04
N VAL B 58 18.86 -25.05 11.74
CA VAL B 58 20.04 -24.23 11.53
C VAL B 58 21.32 -24.97 11.91
N ASP B 59 21.26 -25.76 12.99
CA ASP B 59 22.37 -26.59 13.43
C ASP B 59 22.70 -27.69 12.43
N ALA B 60 21.67 -28.24 11.79
CA ALA B 60 21.91 -29.18 10.69
C ALA B 60 22.59 -28.43 9.54
N ALA B 61 22.03 -27.27 9.20
CA ALA B 61 22.61 -26.40 8.17
C ALA B 61 24.09 -26.05 8.41
N VAL B 62 24.45 -25.72 9.66
CA VAL B 62 25.84 -25.41 9.99
C VAL B 62 26.74 -26.66 10.05
N LYS B 63 26.22 -27.75 10.61
CA LYS B 63 26.95 -29.04 10.64
C LYS B 63 27.34 -29.51 9.24
N LYS B 64 26.41 -29.40 8.30
CA LYS B 64 26.63 -29.83 6.91
C LYS B 64 27.55 -28.88 6.14
N VAL B 65 27.24 -27.58 6.19
CA VAL B 65 27.84 -26.59 5.29
C VAL B 65 29.32 -26.29 5.62
N TYR B 66 29.70 -26.52 6.88
CA TYR B 66 31.06 -26.28 7.34
C TYR B 66 31.82 -27.52 7.82
N GLY B 67 31.11 -28.63 8.00
CA GLY B 67 31.73 -29.90 8.38
C GLY B 67 31.92 -30.13 9.87
N GLY B 68 31.60 -29.12 10.68
CA GLY B 68 31.80 -29.20 12.12
C GLY B 68 32.89 -28.29 12.65
N SER B 69 33.49 -27.50 11.75
CA SER B 69 34.46 -26.48 12.13
C SER B 69 33.76 -25.30 12.80
N ARG B 70 32.45 -25.18 12.54
CA ARG B 70 31.55 -24.17 13.13
C ARG B 70 30.39 -24.80 13.92
N ARG B 71 29.93 -24.12 14.97
CA ARG B 71 28.79 -24.57 15.79
C ARG B 71 28.13 -23.42 16.57
N ILE B 72 26.81 -23.44 16.66
CA ILE B 72 26.08 -22.44 17.44
C ILE B 72 25.96 -22.88 18.90
N VAL B 73 26.16 -21.94 19.82
CA VAL B 73 25.92 -22.19 21.25
C VAL B 73 24.71 -21.35 21.67
N TRP B 74 23.59 -22.04 21.78
CA TRP B 74 22.31 -21.40 22.03
C TRP B 74 22.14 -21.12 23.52
N TRP B 75 21.58 -19.97 23.84
CA TRP B 75 21.48 -19.44 25.20
C TRP B 75 20.04 -19.02 25.46
N GLU B 76 19.34 -19.77 26.32
CA GLU B 76 17.92 -19.52 26.50
C GLU B 76 17.59 -18.32 27.37
N LEU B 77 16.91 -17.35 26.79
CA LEU B 77 16.35 -16.24 27.54
C LEU B 77 14.83 -16.25 27.39
N LEU B 78 14.18 -15.53 28.29
CA LEU B 78 12.74 -15.66 28.46
C LEU B 78 12.08 -14.33 28.23
N ALA B 79 10.89 -14.39 27.67
CA ALA B 79 10.04 -13.23 27.51
C ALA B 79 8.65 -13.78 27.29
N GLY B 80 7.64 -13.07 27.81
CA GLY B 80 6.26 -13.51 27.69
C GLY B 80 5.90 -14.58 28.71
N HIS B 81 4.96 -15.45 28.34
CA HIS B 81 4.39 -16.44 29.26
C HIS B 81 5.42 -17.21 30.10
N LEU B 82 6.58 -17.53 29.52
CA LEU B 82 7.63 -18.25 30.24
C LEU B 82 8.43 -17.31 31.17
N ALA B 83 8.44 -16.02 30.84
CA ALA B 83 9.02 -15.03 31.75
C ALA B 83 8.09 -14.75 32.96
N ARG B 84 6.82 -14.41 32.70
CA ARG B 84 5.81 -14.18 33.76
C ARG B 84 5.66 -15.39 34.67
N GLU B 85 5.93 -16.59 34.15
CA GLU B 85 5.92 -17.82 34.95
C GLU B 85 7.09 -17.96 35.92
N LYS B 86 8.31 -17.82 35.40
CA LYS B 86 9.51 -18.08 36.18
C LYS B 86 10.00 -16.80 36.88
N CYS B 87 9.68 -15.66 36.29
CA CYS B 87 10.31 -14.38 36.64
C CYS B 87 9.41 -13.38 37.37
N GLY B 88 8.12 -13.39 37.05
CA GLY B 88 7.15 -12.52 37.69
C GLY B 88 6.75 -11.36 36.82
N GLU B 89 7.40 -11.24 35.66
CA GLU B 89 7.23 -10.11 34.74
C GLU B 89 7.34 -10.56 33.26
N LEU B 90 6.77 -9.78 32.37
CA LEU B 90 6.66 -10.15 30.96
C LEU B 90 7.95 -9.98 30.15
N LEU B 91 8.85 -9.12 30.63
CA LEU B 91 10.08 -8.80 29.91
C LEU B 91 11.19 -8.35 30.86
N PRO B 92 11.94 -9.32 31.38
CA PRO B 92 13.04 -9.06 32.32
C PRO B 92 14.05 -8.06 31.78
N LYS B 93 14.66 -7.26 32.65
CA LYS B 93 15.78 -6.38 32.28
C LYS B 93 16.94 -7.27 31.83
N ALA B 94 17.13 -8.36 32.56
CA ALA B 94 18.06 -9.42 32.17
C ALA B 94 17.98 -9.76 30.68
N THR B 95 16.82 -10.22 30.24
CA THR B 95 16.61 -10.64 28.86
C THR B 95 17.16 -9.64 27.84
N LEU B 96 16.75 -8.39 27.99
CA LEU B 96 17.27 -7.25 27.23
C LEU B 96 18.80 -7.12 27.30
N GLU B 97 19.36 -7.25 28.50
CA GLU B 97 20.80 -7.07 28.68
C GLU B 97 21.58 -8.25 28.11
N GLY B 98 20.95 -9.43 28.12
CA GLY B 98 21.51 -10.62 27.51
C GLY B 98 21.63 -10.46 26.00
N ILE B 99 20.65 -9.80 25.40
CA ILE B 99 20.69 -9.48 23.95
C ILE B 99 21.84 -8.51 23.64
N ARG B 100 21.95 -7.44 24.44
CA ARG B 100 23.03 -6.45 24.31
C ARG B 100 24.41 -7.07 24.46
N LEU B 101 24.51 -8.11 25.29
CA LEU B 101 25.75 -8.83 25.50
C LEU B 101 26.04 -9.75 24.31
N ALA B 102 25.07 -10.59 23.96
CA ALA B 102 25.23 -11.57 22.87
C ALA B 102 25.30 -10.97 21.46
N ARG B 103 24.66 -9.81 21.27
CA ARG B 103 24.63 -9.08 19.99
C ARG B 103 23.65 -9.65 18.96
N VAL B 104 23.41 -10.95 19.04
CA VAL B 104 22.55 -11.67 18.11
C VAL B 104 21.51 -12.53 18.82
N ALA B 105 20.27 -12.44 18.36
CA ALA B 105 19.17 -13.10 19.04
C ALA B 105 18.12 -13.57 18.05
N LEU B 106 17.48 -14.68 18.37
CA LEU B 106 16.35 -15.18 17.63
C LEU B 106 15.19 -15.29 18.62
N LYS B 107 14.04 -14.71 18.30
CA LYS B 107 12.86 -14.85 19.15
C LYS B 107 11.62 -15.28 18.39
N GLY B 108 10.74 -15.97 19.10
CA GLY B 108 9.40 -16.25 18.63
C GLY B 108 8.51 -15.05 18.90
N PRO B 109 7.25 -15.14 18.50
CA PRO B 109 6.33 -14.01 18.65
C PRO B 109 5.89 -13.89 20.12
N LEU B 110 5.31 -12.74 20.48
CA LEU B 110 4.95 -12.48 21.87
C LEU B 110 3.54 -11.92 22.00
N GLU B 111 2.92 -12.25 23.12
CA GLU B 111 1.62 -11.66 23.47
C GLU B 111 1.86 -10.40 24.29
N THR B 112 1.20 -9.33 23.89
CA THR B 112 1.08 -8.13 24.71
C THR B 112 -0.28 -8.07 25.41
N PRO B 113 -0.30 -8.24 26.73
CA PRO B 113 -1.49 -7.88 27.52
C PRO B 113 -1.78 -6.37 27.42
N VAL B 114 -3.07 -6.02 27.46
CA VAL B 114 -3.52 -4.62 27.51
C VAL B 114 -2.97 -3.97 28.80
N GLY B 115 -2.83 -2.64 28.81
CA GLY B 115 -2.50 -1.91 30.02
C GLY B 115 -1.03 -1.87 30.36
N THR B 116 -0.21 -2.15 29.36
CA THR B 116 1.23 -2.27 29.55
C THR B 116 1.94 -0.93 29.29
N GLY B 117 1.30 -0.04 28.53
CA GLY B 117 1.93 1.21 28.12
C GLY B 117 2.51 1.17 26.70
N TYR B 118 2.99 -0.01 26.27
CA TYR B 118 3.52 -0.20 24.93
C TYR B 118 2.47 -0.80 24.00
N ARG B 119 2.61 -0.53 22.70
CA ARG B 119 1.70 -1.10 21.69
C ARG B 119 1.91 -2.61 21.66
N SER B 120 3.17 -3.00 21.64
CA SER B 120 3.59 -4.40 21.75
C SER B 120 4.87 -4.49 22.58
N LEU B 121 5.08 -5.62 23.25
CA LEU B 121 6.32 -5.87 23.96
C LEU B 121 7.54 -5.71 23.07
N ASN B 122 7.35 -5.83 21.76
CA ASN B 122 8.45 -5.73 20.84
C ASN B 122 8.95 -4.29 20.73
N VAL B 123 8.02 -3.34 20.77
CA VAL B 123 8.33 -1.92 20.83
C VAL B 123 9.36 -1.67 21.95
N ALA B 124 9.08 -2.24 23.12
CA ALA B 124 9.93 -2.11 24.29
C ALA B 124 11.37 -2.62 24.06
N ILE B 125 11.48 -3.71 23.30
CA ILE B 125 12.79 -4.32 23.04
C ILE B 125 13.58 -3.48 22.04
N ARG B 126 12.90 -3.00 21.00
CA ARG B 126 13.54 -2.21 19.96
C ARG B 126 14.07 -0.90 20.55
N GLN B 127 13.24 -0.24 21.37
CA GLN B 127 13.57 1.04 21.98
C GLN B 127 14.77 0.90 22.91
N ALA B 128 14.78 -0.14 23.73
CA ALA B 128 15.86 -0.36 24.68
C ALA B 128 17.18 -0.60 23.99
N LEU B 129 17.11 -1.25 22.83
CA LEU B 129 18.33 -1.68 22.15
C LEU B 129 18.68 -0.82 20.93
N ASP B 130 17.84 0.16 20.63
CA ASP B 130 18.10 1.06 19.51
C ASP B 130 18.14 0.27 18.18
N LEU B 131 17.15 -0.60 17.98
CA LEU B 131 17.04 -1.36 16.72
C LEU B 131 16.20 -0.54 15.75
N TYR B 132 16.87 0.41 15.10
CA TYR B 132 16.19 1.41 14.27
C TYR B 132 15.72 0.89 12.92
N ALA B 133 16.38 -0.14 12.40
CA ALA B 133 16.04 -0.68 11.10
C ALA B 133 15.23 -1.99 11.16
N ASN B 134 14.08 -2.01 10.52
CA ASN B 134 13.33 -3.25 10.33
C ASN B 134 13.60 -3.78 8.92
N ILE B 135 14.15 -5.00 8.87
CA ILE B 135 14.56 -5.62 7.63
C ILE B 135 13.62 -6.79 7.35
N ARG B 136 12.96 -6.78 6.19
CA ARG B 136 12.14 -7.90 5.78
C ARG B 136 12.49 -8.36 4.38
N PRO B 137 13.07 -9.54 4.29
CA PRO B 137 13.28 -10.17 2.98
C PRO B 137 11.99 -10.83 2.53
N VAL B 138 11.68 -10.72 1.25
CA VAL B 138 10.54 -11.40 0.68
C VAL B 138 11.01 -12.15 -0.56
N ARG B 139 10.85 -13.46 -0.50
CA ARG B 139 11.28 -14.38 -1.54
C ARG B 139 10.21 -15.45 -1.75
N TYR B 140 10.28 -16.11 -2.89
CA TYR B 140 9.31 -17.13 -3.26
C TYR B 140 9.93 -18.52 -3.14
N TYR B 141 9.17 -19.46 -2.59
CA TYR B 141 9.70 -20.81 -2.30
C TYR B 141 8.96 -21.89 -3.08
N GLY B 142 8.21 -21.47 -4.10
CA GLY B 142 7.47 -22.41 -4.92
C GLY B 142 6.08 -22.75 -4.40
N GLN B 143 5.62 -22.07 -3.33
CA GLN B 143 4.25 -22.24 -2.80
C GLN B 143 3.19 -21.83 -3.81
N PRO B 144 1.95 -22.31 -3.63
CA PRO B 144 0.81 -21.73 -4.34
C PRO B 144 0.75 -20.25 -4.04
N ALA B 145 0.66 -19.44 -5.09
CA ALA B 145 0.74 -18.01 -4.93
C ALA B 145 -0.19 -17.34 -5.91
N PRO B 146 -0.78 -16.22 -5.50
CA PRO B 146 -1.75 -15.49 -6.35
C PRO B 146 -1.08 -14.65 -7.45
N HIS B 147 0.23 -14.45 -7.36
CA HIS B 147 0.94 -13.55 -8.26
C HIS B 147 1.55 -14.41 -9.38
N LYS B 148 1.21 -14.13 -10.64
CA LYS B 148 1.81 -14.88 -11.74
C LYS B 148 3.32 -14.70 -11.76
N TYR B 149 3.78 -13.56 -11.25
CA TYR B 149 5.21 -13.22 -11.28
C TYR B 149 5.90 -13.43 -9.94
N ALA B 150 5.36 -14.30 -9.09
CA ALA B 150 5.91 -14.52 -7.76
C ALA B 150 7.38 -14.96 -7.79
N ASP B 151 7.74 -15.78 -8.78
CA ASP B 151 9.12 -16.26 -8.88
C ASP B 151 10.13 -15.16 -9.17
N ARG B 152 9.65 -13.96 -9.51
CA ARG B 152 10.57 -12.85 -9.72
C ARG B 152 10.50 -11.79 -8.62
N VAL B 153 9.90 -12.18 -7.50
CA VAL B 153 9.92 -11.35 -6.30
C VAL B 153 11.06 -11.85 -5.43
N ASP B 154 12.06 -11.00 -5.28
CA ASP B 154 13.23 -11.33 -4.46
C ASP B 154 13.70 -10.01 -3.92
N MET B 155 13.09 -9.60 -2.82
CA MET B 155 13.28 -8.25 -2.32
C MET B 155 13.63 -8.27 -0.85
N VAL B 156 14.17 -7.15 -0.38
CA VAL B 156 14.41 -6.90 1.02
C VAL B 156 13.96 -5.49 1.34
N ILE B 157 13.06 -5.35 2.29
CA ILE B 157 12.58 -4.03 2.67
C ILE B 157 13.33 -3.53 3.91
N PHE B 158 14.06 -2.43 3.72
CA PHE B 158 14.68 -1.70 4.82
C PHE B 158 13.69 -0.61 5.20
N ARG B 159 13.08 -0.79 6.37
CA ARG B 159 12.05 0.08 6.87
C ARG B 159 12.54 0.79 8.12
N GLU B 160 12.43 2.12 8.09
CA GLU B 160 12.84 2.96 9.19
C GLU B 160 11.81 2.69 10.31
N ASN B 161 12.27 2.25 11.46
CA ASN B 161 11.33 1.74 12.44
C ASN B 161 11.17 2.57 13.71
N THR B 162 11.45 3.87 13.67
CA THR B 162 11.38 4.73 14.87
C THR B 162 10.54 5.98 14.73
N GLU B 163 10.33 6.42 13.50
CA GLU B 163 9.71 7.73 13.24
C GLU B 163 8.40 7.55 12.49
N ASP B 164 8.01 8.61 11.77
CA ASP B 164 6.80 8.58 10.94
C ASP B 164 5.54 8.60 11.82
N VAL B 165 4.37 8.41 11.22
CA VAL B 165 3.10 8.39 11.97
C VAL B 165 3.08 7.28 13.03
N TYR B 166 3.96 6.30 12.88
CA TYR B 166 4.06 5.20 13.84
C TYR B 166 4.71 5.56 15.19
N ALA B 167 5.32 6.75 15.29
CA ALA B 167 5.92 7.23 16.54
C ALA B 167 4.93 7.51 17.69
N GLY B 168 3.63 7.47 17.39
CA GLY B 168 2.58 7.55 18.41
C GLY B 168 2.23 8.94 18.84
N ILE B 169 2.64 9.94 18.05
CA ILE B 169 2.35 11.35 18.44
C ILE B 169 1.00 11.75 17.85
N GLU B 170 -0.01 11.77 18.70
CA GLU B 170 -1.38 12.04 18.29
C GLU B 170 -2.26 12.35 19.51
N TRP B 171 -3.41 12.98 19.26
CA TRP B 171 -4.33 13.41 20.30
C TRP B 171 -5.79 13.20 19.87
N PRO B 172 -6.64 12.72 20.76
CA PRO B 172 -8.08 12.57 20.44
C PRO B 172 -8.71 13.92 20.01
N HIS B 173 -9.67 13.84 19.09
CA HIS B 173 -10.41 15.01 18.61
C HIS B 173 -11.01 15.89 19.70
N ASP B 174 -11.46 15.27 20.80
CA ASP B 174 -12.13 15.99 21.88
C ASP B 174 -11.23 16.24 23.10
N SER B 175 -9.92 15.99 22.95
CA SER B 175 -8.95 16.19 24.01
C SER B 175 -8.56 17.67 24.16
N PRO B 176 -8.24 18.12 25.38
CA PRO B 176 -7.71 19.47 25.58
C PRO B 176 -6.40 19.70 24.81
N GLU B 177 -5.62 18.64 24.62
CA GLU B 177 -4.35 18.75 23.91
C GLU B 177 -4.61 19.10 22.42
N ALA B 178 -5.58 18.42 21.82
CA ALA B 178 -5.96 18.69 20.44
C ALA B 178 -6.45 20.13 20.26
N ALA B 179 -7.24 20.60 21.22
CA ALA B 179 -7.73 21.98 21.21
C ALA B 179 -6.57 22.97 21.26
N ARG B 180 -5.59 22.73 22.12
CA ARG B 180 -4.44 23.62 22.24
C ARG B 180 -3.64 23.67 20.92
N ILE B 181 -3.39 22.50 20.33
CA ILE B 181 -2.68 22.43 19.06
C ILE B 181 -3.42 23.11 17.92
N ARG B 182 -4.74 22.94 17.90
CA ARG B 182 -5.58 23.56 16.88
C ARG B 182 -5.44 25.09 16.90
N ARG B 183 -5.44 25.66 18.09
CA ARG B 183 -5.37 27.11 18.23
C ARG B 183 -3.96 27.67 18.05
N PHE B 184 -2.95 26.93 18.49
CA PHE B 184 -1.56 27.22 18.14
C PHE B 184 -1.37 27.24 16.62
N LEU B 185 -1.80 26.19 15.93
CA LEU B 185 -1.64 26.17 14.49
C LEU B 185 -2.39 27.32 13.77
N ALA B 186 -3.56 27.70 14.29
CA ALA B 186 -4.35 28.79 13.70
C ALA B 186 -3.80 30.19 13.90
N GLU B 187 -3.34 30.51 15.11
CA GLU B 187 -2.83 31.83 15.44
C GLU B 187 -1.49 32.09 14.79
N GLU B 188 -0.66 31.05 14.78
CA GLU B 188 0.76 31.20 14.53
C GLU B 188 1.09 30.98 13.08
N PHE B 189 0.39 30.06 12.46
CA PHE B 189 0.63 29.74 11.06
C PHE B 189 -0.60 29.91 10.17
N GLY B 190 -1.72 30.38 10.71
CA GLY B 190 -2.93 30.52 9.89
C GLY B 190 -3.39 29.20 9.29
N ILE B 191 -3.25 28.13 10.07
CA ILE B 191 -3.67 26.80 9.60
C ILE B 191 -4.97 26.40 10.26
N SER B 192 -5.97 26.05 9.48
CA SER B 192 -7.24 25.66 10.10
C SER B 192 -7.49 24.17 10.00
N ILE B 193 -7.76 23.57 11.15
CA ILE B 193 -8.16 22.18 11.27
C ILE B 193 -9.52 22.18 11.97
N ARG B 194 -10.42 21.31 11.53
CA ARG B 194 -11.77 21.27 12.10
C ARG B 194 -11.76 20.95 13.60
N GLU B 195 -12.68 21.56 14.34
CA GLU B 195 -12.93 21.27 15.74
C GLU B 195 -13.12 19.80 16.08
N ASP B 196 -13.61 19.02 15.11
CA ASP B 196 -13.92 17.61 15.36
C ASP B 196 -12.89 16.67 14.71
N ALA B 197 -11.66 17.15 14.59
CA ALA B 197 -10.57 16.38 13.99
C ALA B 197 -9.61 15.83 15.05
N GLY B 198 -9.33 14.54 14.95
CA GLY B 198 -8.20 13.94 15.64
C GLY B 198 -6.94 14.41 14.92
N ILE B 199 -5.82 14.46 15.63
CA ILE B 199 -4.60 15.05 15.08
C ILE B 199 -3.38 14.21 15.38
N GLY B 200 -2.66 13.85 14.32
CA GLY B 200 -1.37 13.19 14.44
C GLY B 200 -0.22 13.99 13.83
N VAL B 201 0.98 13.75 14.33
CA VAL B 201 2.19 14.39 13.84
C VAL B 201 3.06 13.33 13.18
N LYS B 202 3.62 13.69 12.02
CA LYS B 202 4.50 12.83 11.26
C LYS B 202 5.91 13.46 11.21
N PRO B 203 6.80 13.05 12.10
CA PRO B 203 8.20 13.54 12.03
C PRO B 203 9.10 12.62 11.21
N ILE B 204 9.91 13.20 10.31
CA ILE B 204 10.95 12.44 9.57
C ILE B 204 12.26 13.21 9.65
N SER B 205 13.28 12.57 10.20
CA SER B 205 14.56 13.22 10.49
C SER B 205 15.72 12.79 9.58
N ARG B 206 16.61 13.75 9.35
CA ARG B 206 17.84 13.53 8.58
C ARG B 206 18.65 12.36 9.16
N PHE B 207 18.86 12.39 10.48
CA PHE B 207 19.65 11.37 11.19
C PHE B 207 19.12 9.95 10.97
N ALA B 208 17.81 9.78 11.18
CA ALA B 208 17.20 8.45 11.11
C ALA B 208 17.23 7.91 9.68
N THR B 209 17.01 8.79 8.70
CA THR B 209 17.04 8.40 7.29
C THR B 209 18.42 7.93 6.89
N ARG B 210 19.43 8.73 7.21
CA ARG B 210 20.82 8.44 6.86
C ARG B 210 21.29 7.08 7.36
N ARG B 211 21.00 6.82 8.64
CA ARG B 211 21.31 5.56 9.30
C ARG B 211 20.72 4.40 8.54
N LEU B 212 19.42 4.51 8.27
CA LEU B 212 18.69 3.48 7.55
C LEU B 212 19.31 3.25 6.17
N MET B 213 19.49 4.33 5.42
CA MET B 213 20.05 4.25 4.06
C MET B 213 21.45 3.63 4.05
N GLU B 214 22.30 4.02 5.01
CA GLU B 214 23.64 3.43 5.13
C GLU B 214 23.55 1.91 5.33
N ARG B 215 22.71 1.48 6.27
CA ARG B 215 22.53 0.04 6.48
C ARG B 215 22.01 -0.66 5.21
N ALA B 216 21.13 0.00 4.47
CA ALA B 216 20.60 -0.60 3.25
C ALA B 216 21.68 -0.77 2.20
N LEU B 217 22.52 0.26 2.05
CA LEU B 217 23.59 0.24 1.05
C LEU B 217 24.66 -0.76 1.43
N GLU B 218 24.92 -0.90 2.73
CA GLU B 218 25.87 -1.90 3.20
C GLU B 218 25.38 -3.31 2.86
N TRP B 219 24.11 -3.57 3.13
CA TRP B 219 23.50 -4.84 2.79
C TRP B 219 23.59 -5.12 1.28
N ALA B 220 23.25 -4.11 0.46
CA ALA B 220 23.36 -4.22 -0.98
C ALA B 220 24.78 -4.64 -1.44
N LEU B 221 25.79 -3.94 -0.92
CA LEU B 221 27.17 -4.23 -1.27
C LEU B 221 27.58 -5.64 -0.83
N ARG B 222 27.20 -5.99 0.40
CA ARG B 222 27.49 -7.30 0.97
C ARG B 222 26.79 -8.43 0.20
N ASN B 223 25.61 -8.15 -0.34
CA ASN B 223 24.82 -9.15 -1.04
C ASN B 223 24.85 -9.07 -2.56
N GLY B 224 25.65 -8.16 -3.10
CA GLY B 224 25.69 -7.97 -4.56
C GLY B 224 24.36 -7.55 -5.16
N ASN B 225 23.58 -6.78 -4.42
CA ASN B 225 22.38 -6.20 -5.02
C ASN B 225 22.77 -5.09 -5.99
N THR B 226 21.94 -4.92 -7.01
CA THR B 226 22.26 -3.99 -8.09
C THR B 226 21.29 -2.81 -8.14
N VAL B 227 20.25 -2.87 -7.30
CA VAL B 227 19.30 -1.76 -7.19
C VAL B 227 18.81 -1.53 -5.75
N VAL B 228 18.82 -0.27 -5.36
CA VAL B 228 18.30 0.20 -4.10
C VAL B 228 17.31 1.30 -4.43
N THR B 229 16.04 1.07 -4.08
CA THR B 229 14.93 1.94 -4.47
C THR B 229 14.29 2.63 -3.25
N ILE B 230 14.28 3.96 -3.28
CA ILE B 230 13.69 4.76 -2.22
C ILE B 230 12.21 4.93 -2.47
N MET B 231 11.39 4.48 -1.50
CA MET B 231 9.94 4.52 -1.65
C MET B 231 9.38 5.68 -0.83
N HIS B 232 8.77 6.65 -1.49
CA HIS B 232 8.39 7.89 -0.81
C HIS B 232 7.16 8.51 -1.48
N LYS B 233 6.42 9.35 -0.74
CA LYS B 233 5.35 10.17 -1.30
C LYS B 233 5.75 11.65 -1.29
N GLY B 234 6.93 11.90 -1.85
CA GLY B 234 7.58 13.21 -1.76
C GLY B 234 6.95 14.29 -2.61
N ASN B 235 6.09 13.87 -3.53
CA ASN B 235 5.32 14.82 -4.29
C ASN B 235 4.24 15.51 -3.49
N ILE B 236 3.63 14.81 -2.53
CA ILE B 236 2.60 15.41 -1.67
C ILE B 236 3.14 15.82 -0.31
N MET B 237 4.00 14.98 0.26
CA MET B 237 4.60 15.30 1.55
C MET B 237 6.05 15.67 1.31
N LYS B 238 6.23 16.93 0.90
CA LYS B 238 7.53 17.46 0.49
C LYS B 238 8.57 17.43 1.59
N TYR B 239 8.17 17.78 2.82
CA TYR B 239 9.15 18.02 3.87
C TYR B 239 9.33 16.87 4.84
N THR B 240 8.57 15.79 4.64
CA THR B 240 8.77 14.56 5.40
C THR B 240 9.29 13.45 4.50
N GLU B 241 8.44 12.99 3.59
CA GLU B 241 8.82 11.91 2.68
C GLU B 241 9.72 12.37 1.53
N GLY B 242 9.51 13.58 1.04
CA GLY B 242 10.42 14.16 0.06
C GLY B 242 11.82 14.39 0.64
N ALA B 243 11.87 14.84 1.89
CA ALA B 243 13.13 15.01 2.59
C ALA B 243 13.77 13.64 2.83
N PHE B 244 12.99 12.66 3.26
CA PHE B 244 13.49 11.30 3.39
C PHE B 244 14.23 10.91 2.10
N MET B 245 13.60 11.19 0.96
CA MET B 245 14.16 10.84 -0.34
C MET B 245 15.47 11.60 -0.63
N ARG B 246 15.45 12.92 -0.42
CA ARG B 246 16.63 13.76 -0.64
C ARG B 246 17.80 13.34 0.24
N TRP B 247 17.52 13.11 1.52
CA TRP B 247 18.55 12.70 2.47
C TRP B 247 19.16 11.33 2.15
N ALA B 248 18.32 10.41 1.65
CA ALA B 248 18.79 9.07 1.29
C ALA B 248 19.75 9.13 0.08
N TYR B 249 19.36 9.88 -0.95
CA TYR B 249 20.22 10.15 -2.10
C TYR B 249 21.53 10.78 -1.65
N GLU B 250 21.42 11.86 -0.86
CA GLU B 250 22.57 12.63 -0.37
C GLU B 250 23.59 11.72 0.31
N VAL B 251 23.14 10.85 1.23
CA VAL B 251 24.09 9.96 1.90
C VAL B 251 24.70 8.88 0.95
N ALA B 252 23.90 8.36 0.02
CA ALA B 252 24.44 7.41 -0.98
C ALA B 252 25.63 8.03 -1.73
N LEU B 253 25.44 9.25 -2.23
CA LEU B 253 26.45 9.93 -3.02
C LEU B 253 27.62 10.40 -2.16
N GLU B 254 27.36 10.70 -0.89
CA GLU B 254 28.41 11.19 0.00
C GLU B 254 29.34 10.09 0.50
N LYS B 255 28.77 8.92 0.81
CA LYS B 255 29.51 7.85 1.49
C LYS B 255 29.77 6.60 0.63
N PHE B 256 29.05 6.48 -0.48
CA PHE B 256 29.12 5.30 -1.32
C PHE B 256 29.31 5.72 -2.77
N ARG B 257 29.95 6.86 -3.00
CA ARG B 257 30.03 7.46 -4.33
C ARG B 257 30.52 6.46 -5.36
N GLU B 258 31.61 5.78 -5.06
CA GLU B 258 32.26 4.93 -6.04
C GLU B 258 31.48 3.65 -6.31
N HIS B 259 30.45 3.36 -5.51
CA HIS B 259 29.66 2.15 -5.67
C HIS B 259 28.27 2.35 -6.28
N VAL B 260 27.86 3.59 -6.44
CA VAL B 260 26.49 3.85 -6.87
C VAL B 260 26.38 4.70 -8.11
N VAL B 261 25.20 4.62 -8.69
CA VAL B 261 24.91 5.34 -9.90
C VAL B 261 23.41 5.64 -9.88
N THR B 262 23.02 6.82 -10.37
CA THR B 262 21.60 7.18 -10.47
C THR B 262 21.10 6.86 -11.86
N GLU B 263 19.79 6.89 -12.02
CA GLU B 263 19.14 6.65 -13.30
C GLU B 263 19.51 7.65 -14.38
N GLN B 264 19.65 8.93 -13.98
CA GLN B 264 20.13 9.98 -14.88
C GLN B 264 21.57 9.72 -15.31
N GLU B 265 22.42 9.34 -14.36
CA GLU B 265 23.81 9.02 -14.68
C GLU B 265 23.96 7.86 -15.67
N VAL B 266 23.13 6.83 -15.48
CA VAL B 266 23.09 5.66 -16.38
C VAL B 266 22.68 6.09 -17.78
N GLN B 267 21.63 6.90 -17.89
CA GLN B 267 21.22 7.46 -19.18
C GLN B 267 22.29 8.34 -19.84
N GLU B 268 22.91 9.27 -19.10
CA GLU B 268 23.86 10.26 -19.68
C GLU B 268 25.30 9.80 -19.84
N LYS B 269 25.75 8.90 -18.98
CA LYS B 269 27.18 8.53 -18.97
C LYS B 269 27.49 7.10 -19.44
N TYR B 270 26.49 6.23 -19.46
CA TYR B 270 26.71 4.79 -19.67
C TYR B 270 25.76 4.17 -20.71
N GLY B 271 25.24 5.00 -21.61
CA GLY B 271 24.41 4.55 -22.71
C GLY B 271 23.15 3.84 -22.29
N GLY B 272 22.66 4.16 -21.09
CA GLY B 272 21.43 3.55 -20.64
C GLY B 272 21.63 2.16 -20.09
N VAL B 273 22.87 1.78 -19.85
CA VAL B 273 23.15 0.45 -19.27
C VAL B 273 24.00 0.61 -18.02
N ARG B 274 23.46 0.13 -16.90
CA ARG B 274 24.13 0.09 -15.60
C ARG B 274 25.45 -0.71 -15.67
N PRO B 275 26.58 -0.11 -15.30
CA PRO B 275 27.84 -0.86 -15.24
C PRO B 275 27.72 -1.94 -14.17
N GLU B 276 28.19 -3.15 -14.47
CA GLU B 276 27.98 -4.33 -13.60
C GLU B 276 28.35 -4.14 -12.12
N GLY B 277 29.49 -3.52 -11.83
CA GLY B 277 29.89 -3.35 -10.43
C GLY B 277 29.25 -2.19 -9.64
N LYS B 278 28.18 -1.61 -10.16
CA LYS B 278 27.64 -0.40 -9.53
C LYS B 278 26.21 -0.64 -9.07
N ILE B 279 25.82 -0.02 -7.95
CA ILE B 279 24.43 -0.14 -7.51
C ILE B 279 23.62 1.02 -8.02
N LEU B 280 22.54 0.71 -8.72
CA LEU B 280 21.58 1.72 -9.14
C LEU B 280 20.76 2.20 -7.91
N VAL B 281 20.83 3.49 -7.62
CA VAL B 281 20.01 4.08 -6.57
C VAL B 281 18.93 4.93 -7.24
N ASN B 282 17.68 4.55 -7.03
CA ASN B 282 16.60 5.26 -7.65
C ASN B 282 15.45 5.45 -6.65
N ASP B 283 14.35 6.00 -7.12
CA ASP B 283 13.26 6.28 -6.21
C ASP B 283 11.94 6.17 -6.97
N ARG B 284 10.88 5.80 -6.26
CA ARG B 284 9.54 5.67 -6.82
C ARG B 284 8.52 6.22 -5.86
N ILE B 285 7.51 6.87 -6.43
CA ILE B 285 6.39 7.36 -5.65
C ILE B 285 5.69 6.14 -5.07
N ALA B 286 5.30 6.24 -3.80
CA ALA B 286 4.89 5.10 -3.00
C ALA B 286 3.73 4.28 -3.57
N ASP B 287 2.64 4.92 -4.03
CA ASP B 287 1.56 4.14 -4.64
C ASP B 287 2.02 3.54 -5.98
N ASN B 288 2.85 4.25 -6.73
CA ASN B 288 3.42 3.65 -7.97
C ASN B 288 4.30 2.43 -7.68
N MET B 289 5.02 2.48 -6.56
CA MET B 289 5.89 1.41 -6.12
C MET B 289 5.10 0.15 -5.85
N LEU B 290 3.92 0.31 -5.24
CA LEU B 290 3.03 -0.81 -5.01
C LEU B 290 2.66 -1.42 -6.33
N GLN B 291 2.33 -0.56 -7.29
CA GLN B 291 1.93 -1.00 -8.62
C GLN B 291 3.08 -1.73 -9.30
N GLN B 292 4.28 -1.24 -9.09
CA GLN B 292 5.48 -1.73 -9.77
C GLN B 292 5.95 -3.09 -9.23
N ILE B 293 5.81 -3.35 -7.94
CA ILE B 293 6.14 -4.69 -7.44
C ILE B 293 5.13 -5.73 -7.96
N ILE B 294 3.92 -5.28 -8.25
CA ILE B 294 2.93 -6.16 -8.84
C ILE B 294 3.19 -6.39 -10.34
N THR B 295 3.55 -5.31 -11.02
CA THR B 295 3.66 -5.34 -12.47
C THR B 295 5.04 -5.79 -12.95
N ARG B 296 6.11 -5.34 -12.29
CA ARG B 296 7.49 -5.57 -12.71
C ARG B 296 8.42 -5.90 -11.51
N PRO B 297 8.11 -6.96 -10.76
CA PRO B 297 8.85 -7.25 -9.52
C PRO B 297 10.36 -7.40 -9.78
N TRP B 298 10.72 -7.86 -10.97
CA TRP B 298 12.14 -8.11 -11.34
C TRP B 298 12.97 -6.81 -11.32
N ASP B 299 12.28 -5.68 -11.38
CA ASP B 299 12.97 -4.39 -11.34
C ASP B 299 13.40 -3.92 -9.94
N TYR B 300 13.05 -4.67 -8.89
CA TYR B 300 13.27 -4.26 -7.49
C TYR B 300 13.99 -5.30 -6.67
N GLN B 301 14.90 -4.83 -5.83
CA GLN B 301 15.64 -5.69 -4.89
C GLN B 301 15.61 -5.03 -3.49
N VAL B 302 16.49 -4.09 -3.24
CA VAL B 302 16.47 -3.43 -1.95
C VAL B 302 15.54 -2.24 -2.01
N ILE B 303 14.59 -2.20 -1.08
CA ILE B 303 13.64 -1.09 -0.98
C ILE B 303 13.88 -0.37 0.34
N VAL B 304 14.03 0.95 0.26
CA VAL B 304 14.28 1.75 1.43
C VAL B 304 13.08 2.66 1.63
N ALA B 305 12.42 2.54 2.79
CA ALA B 305 11.19 3.26 3.04
C ALA B 305 11.10 3.80 4.46
N PRO B 306 10.35 4.89 4.65
CA PRO B 306 9.96 5.31 6.00
C PRO B 306 8.96 4.31 6.59
N ASN B 307 8.66 4.48 7.88
CA ASN B 307 7.97 3.46 8.67
C ASN B 307 6.71 2.88 8.02
N LEU B 308 5.75 3.74 7.69
CA LEU B 308 4.45 3.29 7.12
C LEU B 308 4.62 2.65 5.77
N ASN B 309 5.32 3.34 4.86
CA ASN B 309 5.55 2.79 3.50
C ASN B 309 6.21 1.39 3.50
N GLY B 310 7.19 1.19 4.37
CA GLY B 310 7.86 -0.08 4.51
C GLY B 310 6.91 -1.18 4.96
N ASP B 311 6.10 -0.87 5.97
CA ASP B 311 5.08 -1.76 6.52
C ASP B 311 4.14 -2.24 5.39
N TYR B 312 3.62 -1.28 4.62
CA TYR B 312 2.68 -1.62 3.54
C TYR B 312 3.33 -2.45 2.42
N ILE B 313 4.51 -2.04 1.96
CA ILE B 313 5.13 -2.70 0.80
C ILE B 313 5.62 -4.11 1.12
N SER B 314 6.16 -4.31 2.32
CA SER B 314 6.62 -5.65 2.72
C SER B 314 5.43 -6.59 2.82
N ASP B 315 4.34 -6.12 3.42
CA ASP B 315 3.11 -6.90 3.50
C ASP B 315 2.51 -7.27 2.14
N ALA B 316 2.43 -6.31 1.23
CA ALA B 316 1.98 -6.58 -0.13
C ALA B 316 2.83 -7.64 -0.81
N ALA B 317 4.14 -7.47 -0.73
CA ALA B 317 5.07 -8.39 -1.36
C ALA B 317 4.92 -9.81 -0.82
N SER B 318 4.80 -9.95 0.50
CA SER B 318 4.60 -11.29 1.11
C SER B 318 3.34 -11.97 0.60
N ALA B 319 2.26 -11.20 0.46
CA ALA B 319 1.01 -11.74 -0.07
C ALA B 319 1.19 -12.24 -1.51
N LEU B 320 1.86 -11.44 -2.33
CA LEU B 320 2.13 -11.81 -3.72
C LEU B 320 2.77 -13.19 -3.85
N VAL B 321 3.73 -13.49 -2.98
CA VAL B 321 4.44 -14.78 -3.05
C VAL B 321 3.74 -15.94 -2.35
N GLY B 322 2.54 -15.69 -1.82
CA GLY B 322 1.85 -16.68 -1.03
C GLY B 322 2.66 -17.03 0.21
N GLY B 323 3.36 -16.02 0.74
CA GLY B 323 4.24 -16.21 1.87
C GLY B 323 3.85 -15.44 3.13
N ILE B 324 2.57 -15.17 3.32
CA ILE B 324 2.13 -14.37 4.49
C ILE B 324 2.56 -14.97 5.82
N GLY B 325 2.38 -16.27 5.99
CA GLY B 325 2.75 -16.95 7.21
C GLY B 325 4.18 -17.44 7.23
N MET B 326 4.90 -17.16 6.15
CA MET B 326 6.29 -17.60 6.07
C MET B 326 7.29 -16.44 6.13
N ALA B 327 6.77 -15.22 6.26
CA ALA B 327 7.57 -14.00 6.21
C ALA B 327 8.51 -13.90 7.40
N ALA B 328 9.79 -13.69 7.11
CA ALA B 328 10.81 -13.49 8.12
C ALA B 328 11.17 -12.03 8.26
N GLY B 329 11.74 -11.69 9.41
CA GLY B 329 12.04 -10.31 9.73
C GLY B 329 13.21 -10.20 10.69
N MET B 330 13.78 -9.01 10.76
CA MET B 330 14.87 -8.73 11.66
C MET B 330 14.83 -7.26 12.04
N ASN B 331 15.03 -6.97 13.32
CA ASN B 331 15.20 -5.60 13.74
C ASN B 331 16.65 -5.37 14.10
N MET B 332 17.27 -4.37 13.45
CA MET B 332 18.73 -4.17 13.55
C MET B 332 19.12 -2.77 14.03
N GLY B 333 20.11 -2.72 14.91
CA GLY B 333 20.72 -1.47 15.32
C GLY B 333 22.13 -1.43 14.77
N ASP B 334 23.05 -0.83 15.51
CA ASP B 334 24.39 -0.59 14.98
C ASP B 334 25.32 -1.81 14.87
N GLY B 335 25.31 -2.67 15.87
CA GLY B 335 26.05 -3.92 15.77
C GLY B 335 25.28 -4.99 16.50
N ILE B 336 23.96 -4.92 16.35
CA ILE B 336 23.03 -5.75 17.10
C ILE B 336 21.83 -6.05 16.21
N ALA B 337 21.29 -7.26 16.35
CA ALA B 337 20.15 -7.74 15.58
C ALA B 337 19.31 -8.75 16.33
N VAL B 338 18.01 -8.66 16.15
CA VAL B 338 17.11 -9.64 16.69
C VAL B 338 16.19 -10.03 15.56
N ALA B 339 16.20 -11.31 15.21
CA ALA B 339 15.34 -11.82 14.13
C ALA B 339 14.09 -12.52 14.67
N GLU B 340 12.98 -12.38 13.95
CA GLU B 340 11.71 -12.98 14.36
C GLU B 340 10.70 -12.95 13.22
N PRO B 341 9.80 -13.94 13.22
CA PRO B 341 8.72 -14.01 12.25
C PRO B 341 7.86 -12.75 12.22
N VAL B 342 7.28 -12.48 11.07
CA VAL B 342 6.28 -11.42 10.99
C VAL B 342 4.97 -11.85 11.65
N HIS B 343 4.66 -13.14 11.62
CA HIS B 343 3.40 -13.65 12.20
C HIS B 343 3.33 -13.50 13.74
N GLY B 344 2.11 -13.60 14.27
CA GLY B 344 1.87 -13.51 15.70
C GLY B 344 1.95 -14.86 16.41
N THR B 345 1.35 -14.92 17.61
CA THR B 345 1.40 -16.10 18.49
C THR B 345 0.63 -17.31 17.96
N ALA B 346 -0.37 -17.04 17.12
CA ALA B 346 -1.35 -18.02 16.62
C ALA B 346 -1.88 -18.96 17.73
N PRO B 347 -2.77 -18.41 18.55
CA PRO B 347 -3.16 -19.07 19.82
C PRO B 347 -3.81 -20.45 19.65
N LYS B 348 -4.57 -20.62 18.58
CA LYS B 348 -5.33 -21.85 18.33
C LYS B 348 -4.45 -23.04 17.87
N TYR B 349 -3.28 -22.73 17.33
CA TYR B 349 -2.26 -23.73 16.94
C TYR B 349 -1.21 -23.98 18.01
N ALA B 350 -1.15 -23.10 19.00
CA ALA B 350 -0.25 -23.28 20.14
C ALA B 350 -0.32 -24.72 20.64
N GLY B 351 0.85 -25.37 20.78
CA GLY B 351 0.96 -26.72 21.31
C GLY B 351 0.51 -27.90 20.41
N LYS B 352 -0.22 -27.60 19.35
CA LYS B 352 -0.93 -28.59 18.54
C LYS B 352 -0.12 -29.23 17.39
N ASP B 353 1.19 -28.97 17.36
CA ASP B 353 2.09 -29.55 16.35
C ASP B 353 1.63 -29.38 14.88
N LEU B 354 0.94 -28.28 14.60
CA LEU B 354 0.36 -28.04 13.30
C LEU B 354 1.04 -26.91 12.52
N ILE B 355 1.78 -26.07 13.26
CA ILE B 355 2.25 -24.77 12.77
C ILE B 355 3.42 -24.89 11.78
N ASN B 356 3.40 -24.06 10.75
CA ASN B 356 4.51 -23.90 9.82
C ASN B 356 5.67 -23.13 10.47
N PRO B 357 6.78 -23.81 10.73
CA PRO B 357 7.97 -23.20 11.34
C PRO B 357 8.90 -22.47 10.35
N SER B 358 8.52 -22.40 9.08
CA SER B 358 9.38 -21.81 8.06
C SER B 358 9.78 -20.37 8.39
N ALA B 359 8.78 -19.55 8.70
CA ALA B 359 9.01 -18.16 9.11
C ALA B 359 10.12 -18.01 10.16
N GLU B 360 10.10 -18.83 11.20
CA GLU B 360 11.16 -18.77 12.20
C GLU B 360 12.52 -19.28 11.68
N ILE B 361 12.50 -20.36 10.90
CA ILE B 361 13.74 -20.88 10.30
C ILE B 361 14.40 -19.78 9.44
N LEU B 362 13.58 -19.12 8.64
CA LEU B 362 14.06 -18.07 7.73
C LEU B 362 14.57 -16.86 8.49
N SER B 363 13.98 -16.61 9.67
CA SER B 363 14.45 -15.56 10.57
C SER B 363 15.85 -15.89 11.06
N ALA B 364 16.03 -17.13 11.53
CA ALA B 364 17.35 -17.64 11.91
C ALA B 364 18.35 -17.49 10.76
N SER B 365 17.98 -18.00 9.59
CA SER B 365 18.89 -17.99 8.45
C SER B 365 19.18 -16.57 7.95
N LEU B 366 18.23 -15.65 8.19
CA LEU B 366 18.48 -14.23 7.94
C LEU B 366 19.50 -13.71 8.95
N LEU B 367 19.31 -14.05 10.22
CA LEU B 367 20.27 -13.67 11.26
C LEU B 367 21.66 -14.25 11.00
N ILE B 368 21.77 -15.58 11.02
CA ILE B 368 23.08 -16.26 10.94
C ILE B 368 23.76 -16.12 9.58
N GLY B 369 22.97 -16.10 8.51
CA GLY B 369 23.52 -16.10 7.16
C GLY B 369 23.66 -14.74 6.52
N GLU B 370 22.88 -13.76 6.99
CA GLU B 370 22.86 -12.43 6.38
C GLU B 370 23.41 -11.29 7.25
N PHE B 371 23.32 -11.47 8.57
CA PHE B 371 23.80 -10.48 9.54
C PHE B 371 25.07 -10.97 10.21
N MET B 372 25.10 -12.26 10.59
CA MET B 372 26.33 -12.88 11.06
C MET B 372 27.22 -13.28 9.89
N GLY B 373 26.66 -13.29 8.68
CA GLY B 373 27.44 -13.46 7.46
C GLY B 373 27.83 -14.87 6.97
N TRP B 374 27.37 -15.91 7.67
CA TRP B 374 27.59 -17.29 7.22
C TRP B 374 26.76 -17.62 5.96
N ARG B 375 27.02 -16.90 4.86
CA ARG B 375 26.10 -16.85 3.71
C ARG B 375 25.79 -18.20 3.04
N GLU B 376 26.53 -19.24 3.40
CA GLU B 376 26.29 -20.57 2.86
C GLU B 376 25.14 -21.25 3.62
N VAL B 377 24.94 -20.82 4.87
CA VAL B 377 23.85 -21.33 5.72
C VAL B 377 22.49 -20.95 5.15
N LYS B 378 22.41 -19.77 4.55
CA LYS B 378 21.18 -19.27 3.93
C LYS B 378 20.92 -19.98 2.59
N SER B 379 21.99 -20.31 1.88
CA SER B 379 21.86 -20.96 0.59
C SER B 379 21.23 -22.34 0.78
N ILE B 380 21.70 -23.06 1.79
CA ILE B 380 21.23 -24.42 2.03
C ILE B 380 19.87 -24.47 2.72
N VAL B 381 19.58 -23.49 3.58
CA VAL B 381 18.28 -23.43 4.26
C VAL B 381 17.21 -23.14 3.24
N GLU B 382 17.47 -22.13 2.42
CA GLU B 382 16.54 -21.73 1.38
C GLU B 382 16.39 -22.84 0.34
N TYR B 383 17.50 -23.45 -0.02
CA TYR B 383 17.46 -24.64 -0.87
C TYR B 383 16.55 -25.71 -0.27
N ALA B 384 16.77 -26.03 1.01
CA ALA B 384 15.96 -27.04 1.71
C ALA B 384 14.46 -26.75 1.69
N ILE B 385 14.09 -25.48 1.86
CA ILE B 385 12.67 -25.13 1.93
C ILE B 385 12.00 -25.25 0.56
N ARG B 386 12.67 -24.77 -0.48
CA ARG B 386 12.23 -24.93 -1.86
C ARG B 386 12.04 -26.40 -2.22
N LYS B 387 13.00 -27.24 -1.84
CA LYS B 387 12.89 -28.67 -2.09
C LYS B 387 11.64 -29.26 -1.44
N ALA B 388 11.44 -28.96 -0.15
CA ALA B 388 10.27 -29.44 0.59
C ALA B 388 8.97 -29.03 -0.09
N VAL B 389 8.87 -27.75 -0.46
CA VAL B 389 7.70 -27.26 -1.18
C VAL B 389 7.51 -27.91 -2.54
N GLN B 390 8.60 -28.04 -3.29
CA GLN B 390 8.54 -28.63 -4.63
C GLN B 390 8.01 -30.07 -4.58
N SER B 391 8.55 -30.90 -3.68
CA SER B 391 8.06 -32.27 -3.52
C SER B 391 6.81 -32.38 -2.64
N LYS B 392 6.26 -31.23 -2.23
CA LYS B 392 4.96 -31.17 -1.56
C LYS B 392 4.98 -31.81 -0.16
N LYS B 393 6.10 -31.66 0.54
CA LYS B 393 6.25 -32.12 1.91
C LYS B 393 6.19 -30.91 2.85
N VAL B 394 4.98 -30.49 3.19
CA VAL B 394 4.74 -29.23 3.90
C VAL B 394 3.60 -29.32 4.93
N THR B 395 3.41 -28.23 5.69
CA THR B 395 2.39 -28.17 6.73
C THR B 395 1.03 -27.74 6.18
N GLN B 396 -0.03 -27.86 7.00
CA GLN B 396 -1.39 -27.70 6.49
C GLN B 396 -1.69 -26.34 5.88
N ASP B 397 -1.08 -25.28 6.41
CA ASP B 397 -1.20 -23.95 5.78
C ASP B 397 -0.86 -24.00 4.29
N LEU B 398 0.16 -24.76 3.92
CA LEU B 398 0.52 -24.90 2.50
C LEU B 398 -0.21 -26.05 1.83
N ALA B 399 -0.35 -27.16 2.54
CA ALA B 399 -1.02 -28.35 1.98
C ALA B 399 -2.44 -28.08 1.47
N ARG B 400 -3.16 -27.19 2.17
CA ARG B 400 -4.55 -26.86 1.87
C ARG B 400 -4.77 -26.16 0.52
N HIS B 401 -3.68 -25.68 -0.09
CA HIS B 401 -3.73 -25.10 -1.43
C HIS B 401 -3.16 -26.05 -2.48
N MET B 402 -2.90 -27.30 -2.08
CA MET B 402 -2.36 -28.32 -2.96
C MET B 402 -3.29 -29.54 -2.99
N PRO B 403 -4.17 -29.58 -3.98
CA PRO B 403 -5.13 -30.68 -4.13
C PRO B 403 -4.53 -32.05 -3.84
N GLY B 404 -5.16 -32.78 -2.92
CA GLY B 404 -4.81 -34.17 -2.68
C GLY B 404 -3.55 -34.39 -1.86
N VAL B 405 -2.89 -33.30 -1.46
CA VAL B 405 -1.67 -33.43 -0.66
C VAL B 405 -2.01 -33.57 0.82
N GLN B 406 -1.33 -34.47 1.50
CA GLN B 406 -1.51 -34.66 2.94
C GLN B 406 -0.51 -33.81 3.70
N PRO B 407 -1.01 -32.95 4.58
CA PRO B 407 -0.15 -32.11 5.42
C PRO B 407 0.78 -32.90 6.32
N LEU B 408 2.02 -32.43 6.43
CA LEU B 408 2.93 -32.96 7.44
C LEU B 408 2.75 -32.15 8.71
N ARG B 409 3.06 -32.79 9.83
CA ARG B 409 3.09 -32.14 11.13
C ARG B 409 4.33 -31.24 11.22
N THR B 410 4.31 -30.30 12.15
CA THR B 410 5.45 -29.42 12.42
C THR B 410 6.76 -30.19 12.52
N SER B 411 6.78 -31.20 13.40
CA SER B 411 7.98 -32.01 13.63
C SER B 411 8.41 -32.79 12.37
N GLU B 412 7.43 -33.21 11.60
CA GLU B 412 7.67 -34.01 10.40
C GLU B 412 8.39 -33.16 9.34
N TYR B 413 7.84 -31.97 9.11
CA TYR B 413 8.45 -30.97 8.25
C TYR B 413 9.86 -30.59 8.67
N THR B 414 10.09 -30.47 9.98
CA THR B 414 11.41 -30.16 10.49
C THR B 414 12.38 -31.28 10.10
N GLU B 415 11.97 -32.53 10.31
CA GLU B 415 12.80 -33.69 9.95
C GLU B 415 13.11 -33.70 8.45
N THR B 416 12.07 -33.49 7.64
CA THR B 416 12.20 -33.46 6.19
C THR B 416 13.28 -32.46 5.75
N LEU B 417 13.23 -31.26 6.34
CA LEU B 417 14.18 -30.22 6.00
C LEU B 417 15.60 -30.62 6.34
N ILE B 418 15.76 -31.28 7.48
CA ILE B 418 17.04 -31.81 7.95
C ILE B 418 17.66 -32.77 6.93
N ALA B 419 16.84 -33.69 6.44
CA ALA B 419 17.28 -34.68 5.45
C ALA B 419 17.75 -33.99 4.17
N TYR B 420 16.97 -33.04 3.67
CA TYR B 420 17.33 -32.29 2.45
C TYR B 420 18.65 -31.55 2.60
N ILE B 421 18.94 -31.07 3.81
CA ILE B 421 20.22 -30.41 4.09
C ILE B 421 21.38 -31.42 4.12
N ASP B 422 21.20 -32.53 4.85
CA ASP B 422 22.25 -33.55 5.01
C ASP B 422 22.61 -34.27 3.71
N GLU B 423 21.65 -34.35 2.80
CA GLU B 423 21.79 -35.04 1.53
C GLU B 423 22.26 -34.13 0.38
N ALA B 424 22.07 -32.82 0.50
CA ALA B 424 22.40 -31.88 -0.57
C ALA B 424 23.78 -32.05 -1.23
N ASP B 425 23.85 -31.69 -2.51
CA ASP B 425 25.09 -31.60 -3.28
C ASP B 425 25.61 -30.16 -3.21
N LEU B 426 26.60 -29.93 -2.33
CA LEU B 426 27.19 -28.61 -2.10
C LEU B 426 27.80 -27.98 -3.36
N ASN B 427 28.24 -28.80 -4.30
CA ASN B 427 28.77 -28.30 -5.57
C ASN B 427 27.71 -27.66 -6.48
N GLU B 428 26.43 -27.97 -6.23
CA GLU B 428 25.34 -27.37 -6.98
C GLU B 428 24.61 -26.25 -6.22
N VAL B 429 24.55 -26.36 -4.89
CA VAL B 429 23.79 -25.40 -4.08
C VAL B 429 24.59 -24.13 -3.78
N LEU B 430 25.82 -24.30 -3.31
CA LEU B 430 26.72 -23.18 -3.05
C LEU B 430 27.26 -22.61 -4.37
P1 ENP C . -35.95 3.09 -13.73
O1 ENP C . -36.67 4.42 -13.53
O2 ENP C . -34.56 3.25 -13.23
O5' ENP C . -35.91 2.86 -15.31
C5' ENP C . -36.50 1.66 -15.92
C4' ENP C . -35.55 0.71 -16.73
O4' ENP C . -35.74 1.00 -18.13
C3' ENP C . -34.08 1.02 -16.42
O3' ENP C . -33.45 -0.17 -16.44
C2' ENP C . -33.52 1.70 -17.68
O2' ENP C . -32.08 1.54 -17.86
C1' ENP C . -34.54 1.47 -18.84
N9 ENP C . -34.79 2.62 -19.74
C8 ENP C . -34.70 2.53 -21.14
N7 ENP C . -34.98 3.74 -21.79
C5 ENP C . -35.20 4.50 -20.71
C6 ENP C . -35.54 5.91 -20.72
N6 ENP C . -35.62 6.58 -21.88
N1 ENP C . -35.75 6.48 -19.50
C2 ENP C . -35.65 5.86 -18.23
N3 ENP C . -35.33 4.57 -18.21
C4 ENP C . -35.11 3.93 -19.45
O3 ENP C . -36.71 1.74 -13.27
P2 ENP C . -36.54 0.16 -12.82
O4 ENP C . -36.94 0.00 -11.34
O5 ENP C . -35.23 -0.58 -13.12
P3 ENP C . -31.12 2.60 -17.16
O7 ENP C . -30.76 2.07 -15.81
O8 ENP C . -29.93 2.72 -18.07
O9 ENP C . -31.70 3.96 -16.96
C1 ENP C . -36.02 7.78 -21.30
C9 ENP C . -36.04 7.73 -19.88
#